data_9H4S
#
_entry.id   9H4S
#
_cell.length_a   121.750
_cell.length_b   121.750
_cell.length_c   71.480
_cell.angle_alpha   90.000
_cell.angle_beta   90.000
_cell.angle_gamma   90.000
#
_symmetry.space_group_name_H-M   'P 43'
#
loop_
_entity.id
_entity.type
_entity.pdbx_description
1 polymer 'Zona pellucida sperm-binding protein 2'
2 polymer 'Heavy chain variable (VH) domain of anti-ZP2 monoclonal antibody IE-3'
3 polymer 'Light chain variable (VL) domain of anti-ZP2 monoclonal antibody IE-3'
4 water water
#
loop_
_entity_poly.entity_id
_entity_poly.type
_entity_poly.pdbx_seq_one_letter_code
_entity_poly.pdbx_strand_id
1 'polypeptide(L)'
;VSLPQSENPAFPGTLICDKDEVRIEFSSRFDMEKWNPSVVDTLGSEILSCTYALDLERFVLKFPYETCTIKVVGGYQVNI
RVGDTTTDVRYKDDMYHFFCPAIQLEHHHHHH
;
A,B
2 'polypeptide(L)'
;ETGQVQLQQSGAELVKPGSSVKISCKASGYTFTSDDMHWIKQQPGNGLEWIGWIYPGNDDTKYNQKFNGKATLTADKSSS
TVYMQLSSLTSEDSAVYFCARGDLNYGGSMDAWGQGTSVTVSS
;
H,X
3 'polypeptide(L)'
;ETGDTVMTQSPSSLAVSAGETLTINCKSSQNLFSSRNQKNYLAWFQQKPGQSPTLLIHWASTRQSGVPDRFIGSGSGTDF
TLTISSVQAEDLAIYYCQQYYNSPLTFGSGTKLEIKR
;
L,Y
#
# COMPACT_ATOMS: atom_id res chain seq x y z
N LEU A 3 -5.16 31.32 -27.42
CA LEU A 3 -4.63 30.07 -27.96
C LEU A 3 -4.45 29.01 -26.88
N PRO A 4 -4.55 27.74 -27.28
CA PRO A 4 -4.37 26.63 -26.32
C PRO A 4 -2.95 26.59 -25.78
N GLN A 5 -2.82 26.78 -24.47
CA GLN A 5 -1.51 26.93 -23.84
C GLN A 5 -0.62 25.70 -24.08
N SER A 6 0.67 25.94 -24.26
CA SER A 6 1.65 24.88 -24.40
C SER A 6 2.90 25.22 -23.61
N GLU A 7 3.36 24.26 -22.80
CA GLU A 7 4.55 24.41 -21.99
C GLU A 7 5.82 24.04 -22.73
N ASN A 8 5.75 23.75 -24.02
CA ASN A 8 6.92 23.31 -24.77
C ASN A 8 8.00 24.40 -24.78
N PRO A 9 9.21 24.12 -24.31
CA PRO A 9 10.32 25.05 -24.55
C PRO A 9 10.75 24.99 -26.01
N ALA A 10 11.72 25.81 -26.40
CA ALA A 10 12.22 25.74 -27.77
C ALA A 10 12.90 24.40 -28.01
N PHE A 11 12.72 23.86 -29.22
CA PHE A 11 13.39 22.66 -29.65
C PHE A 11 14.22 22.98 -30.88
N PRO A 12 15.50 22.68 -30.90
CA PRO A 12 16.34 23.02 -32.07
C PRO A 12 16.12 22.04 -33.21
N GLY A 13 14.94 22.09 -33.81
CA GLY A 13 14.61 21.17 -34.88
C GLY A 13 13.29 21.52 -35.52
N THR A 14 12.93 20.72 -36.52
CA THR A 14 11.74 20.94 -37.32
C THR A 14 10.93 19.65 -37.35
N LEU A 15 9.64 19.76 -37.01
CA LEU A 15 8.76 18.60 -36.93
C LEU A 15 8.00 18.42 -38.24
N ILE A 16 8.05 17.20 -38.78
CA ILE A 16 7.36 16.85 -40.02
C ILE A 16 6.55 15.58 -39.76
N CYS A 17 5.23 15.69 -39.89
CA CYS A 17 4.33 14.53 -39.75
C CYS A 17 4.11 13.93 -41.13
N ASP A 18 4.93 12.95 -41.49
CA ASP A 18 4.80 12.29 -42.78
C ASP A 18 3.70 11.24 -42.73
N LYS A 19 3.32 10.77 -43.93
CA LYS A 19 2.39 9.65 -44.03
C LYS A 19 2.99 8.39 -43.43
N ASP A 20 4.29 8.18 -43.64
CA ASP A 20 4.94 6.96 -43.16
C ASP A 20 5.35 7.05 -41.70
N GLU A 21 5.79 8.22 -41.24
CA GLU A 21 6.45 8.32 -39.94
C GLU A 21 6.42 9.76 -39.45
N VAL A 22 6.93 9.95 -38.25
CA VAL A 22 7.20 11.28 -37.68
C VAL A 22 8.69 11.54 -37.82
N ARG A 23 9.06 12.74 -38.27
CA ARG A 23 10.46 13.10 -38.40
C ARG A 23 10.73 14.40 -37.68
N ILE A 24 11.90 14.48 -37.03
CA ILE A 24 12.39 15.71 -36.43
C ILE A 24 13.77 15.97 -37.00
N GLU A 25 13.86 16.97 -37.88
CA GLU A 25 15.13 17.35 -38.49
C GLU A 25 15.85 18.33 -37.57
N PHE A 26 17.02 17.93 -37.07
CA PHE A 26 17.78 18.82 -36.20
C PHE A 26 18.39 19.97 -36.99
N SER A 27 18.41 21.15 -36.36
CA SER A 27 18.93 22.34 -37.02
C SER A 27 20.45 22.32 -37.11
N SER A 28 21.12 21.47 -36.33
CA SER A 28 22.57 21.31 -36.43
C SER A 28 22.94 19.95 -35.87
N ARG A 29 24.15 19.50 -36.22
CA ARG A 29 24.68 18.27 -35.66
C ARG A 29 25.23 18.53 -34.27
N PHE A 30 25.00 17.58 -33.36
CA PHE A 30 25.43 17.74 -31.98
C PHE A 30 25.71 16.35 -31.39
N ASP A 31 26.24 16.36 -30.17
CA ASP A 31 26.62 15.13 -29.48
C ASP A 31 25.38 14.55 -28.80
N MET A 32 24.86 13.45 -29.34
CA MET A 32 23.64 12.86 -28.79
C MET A 32 23.81 12.41 -27.34
N GLU A 33 25.03 12.11 -26.91
CA GLU A 33 25.24 11.66 -25.54
C GLU A 33 24.86 12.74 -24.53
N LYS A 34 25.14 14.00 -24.85
CA LYS A 34 24.91 15.09 -23.92
C LYS A 34 23.54 15.73 -24.05
N TRP A 35 22.82 15.47 -25.13
CA TRP A 35 21.43 15.92 -25.24
C TRP A 35 20.68 14.83 -25.99
N ASN A 36 20.18 13.85 -25.23
CA ASN A 36 19.66 12.61 -25.78
C ASN A 36 18.16 12.55 -25.64
N PRO A 37 17.44 12.26 -26.72
CA PRO A 37 15.98 12.11 -26.64
C PRO A 37 15.55 10.69 -26.31
N SER A 38 14.48 10.60 -25.53
CA SER A 38 13.80 9.36 -25.24
C SER A 38 12.30 9.60 -25.41
N VAL A 39 11.59 8.55 -25.85
CA VAL A 39 10.17 8.65 -26.13
C VAL A 39 9.41 8.04 -24.96
N VAL A 40 8.45 8.79 -24.41
CA VAL A 40 7.77 8.38 -23.19
C VAL A 40 6.26 8.36 -23.43
N ASP A 41 5.55 7.69 -22.53
CA ASP A 41 4.10 7.58 -22.62
C ASP A 41 3.46 8.73 -21.84
N THR A 42 2.14 8.65 -21.64
CA THR A 42 1.42 9.73 -20.99
C THR A 42 1.88 9.92 -19.54
N LEU A 43 2.27 8.85 -18.86
CA LEU A 43 2.74 8.94 -17.48
C LEU A 43 4.22 9.28 -17.37
N GLY A 44 4.91 9.45 -18.50
CA GLY A 44 6.33 9.76 -18.47
C GLY A 44 7.25 8.56 -18.46
N SER A 45 6.71 7.35 -18.54
CA SER A 45 7.55 6.16 -18.62
C SER A 45 8.06 5.98 -20.04
N GLU A 46 9.30 5.52 -20.17
CA GLU A 46 9.86 5.24 -21.48
C GLU A 46 9.09 4.13 -22.16
N ILE A 47 8.78 4.31 -23.44
CA ILE A 47 8.07 3.29 -24.21
C ILE A 47 9.11 2.28 -24.69
N LEU A 48 9.16 1.12 -24.05
CA LEU A 48 10.22 0.16 -24.33
C LEU A 48 10.07 -0.46 -25.71
N SER A 49 8.84 -0.54 -26.24
CA SER A 49 8.63 -1.04 -27.58
C SER A 49 8.95 -0.02 -28.66
N CYS A 50 9.34 1.20 -28.28
CA CYS A 50 9.67 2.23 -29.25
C CYS A 50 11.17 2.21 -29.55
N THR A 51 11.51 2.05 -30.81
CA THR A 51 12.89 2.17 -31.28
C THR A 51 12.90 3.17 -32.42
N TYR A 52 13.57 4.29 -32.22
CA TYR A 52 13.65 5.32 -33.25
C TYR A 52 14.95 5.19 -34.03
N ALA A 53 15.00 5.84 -35.18
CA ALA A 53 16.16 5.81 -36.05
C ALA A 53 16.76 7.20 -36.17
N LEU A 54 18.07 7.25 -36.36
CA LEU A 54 18.77 8.52 -36.55
C LEU A 54 19.47 8.49 -37.91
N ASP A 55 18.93 9.26 -38.85
CA ASP A 55 19.57 9.48 -40.14
C ASP A 55 20.81 10.32 -39.90
N LEU A 56 21.98 9.72 -40.13
CA LEU A 56 23.27 10.34 -39.87
C LEU A 56 23.73 11.25 -41.00
N GLU A 57 23.10 11.18 -42.17
CA GLU A 57 23.46 12.05 -43.28
C GLU A 57 22.94 13.47 -43.06
N ARG A 58 21.65 13.59 -42.77
CA ARG A 58 20.99 14.87 -42.53
C ARG A 58 20.70 15.10 -41.05
N PHE A 59 21.02 14.14 -40.18
CA PHE A 59 20.78 14.23 -38.75
C PHE A 59 19.29 14.43 -38.46
N VAL A 60 18.52 13.37 -38.76
CA VAL A 60 17.07 13.41 -38.63
C VAL A 60 16.61 12.26 -37.76
N LEU A 61 15.78 12.57 -36.75
CA LEU A 61 15.14 11.53 -35.96
C LEU A 61 13.87 11.05 -36.65
N LYS A 62 13.68 9.73 -36.68
CA LYS A 62 12.51 9.11 -37.30
C LYS A 62 11.85 8.18 -36.30
N PHE A 63 10.55 8.40 -36.08
CA PHE A 63 9.73 7.64 -35.14
C PHE A 63 8.56 7.03 -35.89
N PRO A 64 8.30 5.74 -35.76
CA PRO A 64 7.05 5.17 -36.29
C PRO A 64 5.86 5.59 -35.45
N TYR A 65 4.74 5.86 -36.13
CA TYR A 65 3.50 6.19 -35.43
C TYR A 65 3.07 5.09 -34.46
N GLU A 66 3.14 3.83 -34.91
CA GLU A 66 2.48 2.74 -34.18
C GLU A 66 3.14 2.47 -32.83
N THR A 67 4.47 2.52 -32.77
CA THR A 67 5.18 2.08 -31.57
C THR A 67 5.76 3.21 -30.74
N CYS A 68 5.74 4.45 -31.22
CA CYS A 68 6.41 5.55 -30.53
C CYS A 68 5.49 6.70 -30.18
N THR A 69 4.20 6.64 -30.51
CA THR A 69 3.27 7.72 -30.21
C THR A 69 2.07 7.17 -29.46
N ILE A 70 1.35 8.08 -28.81
CA ILE A 70 0.13 7.76 -28.07
C ILE A 70 -1.05 8.14 -28.96
N LYS A 71 -1.86 7.14 -29.34
CA LYS A 71 -3.00 7.40 -30.21
C LYS A 71 -4.07 8.17 -29.44
N VAL A 72 -4.58 9.25 -30.04
CA VAL A 72 -5.69 10.01 -29.51
C VAL A 72 -6.71 10.21 -30.63
N VAL A 73 -7.88 10.71 -30.24
CA VAL A 73 -9.03 10.76 -31.16
C VAL A 73 -8.67 11.51 -32.44
N GLY A 74 -7.98 12.65 -32.30
CA GLY A 74 -7.62 13.43 -33.46
C GLY A 74 -6.27 13.14 -34.06
N GLY A 75 -5.55 12.14 -33.56
CA GLY A 75 -4.21 11.90 -34.08
C GLY A 75 -3.25 11.19 -33.14
N TYR A 76 -2.06 11.75 -32.97
CA TYR A 76 -0.98 11.09 -32.25
C TYR A 76 -0.25 12.12 -31.41
N GLN A 77 -0.09 11.82 -30.11
CA GLN A 77 0.74 12.61 -29.23
C GLN A 77 2.14 12.02 -29.20
N VAL A 78 3.14 12.89 -29.27
CA VAL A 78 4.54 12.47 -29.30
C VAL A 78 5.22 13.11 -28.10
N ASN A 79 5.61 12.30 -27.13
CA ASN A 79 6.17 12.79 -25.87
C ASN A 79 7.66 12.50 -25.85
N ILE A 80 8.48 13.55 -25.85
CA ILE A 80 9.92 13.42 -25.97
C ILE A 80 10.58 14.10 -24.78
N ARG A 81 11.38 13.34 -24.03
CA ARG A 81 12.19 13.87 -22.94
C ARG A 81 13.63 13.87 -23.39
N VAL A 82 14.33 14.99 -23.20
CA VAL A 82 15.70 15.12 -23.67
C VAL A 82 16.59 15.51 -22.50
N GLY A 83 17.71 14.81 -22.35
CA GLY A 83 18.57 15.09 -21.21
C GLY A 83 20.01 14.68 -21.45
N ASP A 84 20.88 15.19 -20.58
CA ASP A 84 22.30 14.86 -20.59
C ASP A 84 22.49 13.51 -19.90
N THR A 85 22.89 12.50 -20.66
CA THR A 85 23.05 11.15 -20.11
C THR A 85 24.32 10.98 -19.29
N THR A 86 25.19 11.99 -19.22
CA THR A 86 26.40 11.90 -18.43
C THR A 86 26.18 12.32 -16.98
N THR A 87 24.97 12.70 -16.60
CA THR A 87 24.66 13.09 -15.23
C THR A 87 23.47 12.28 -14.72
N ASP A 88 23.39 12.17 -13.39
CA ASP A 88 22.23 11.60 -12.73
C ASP A 88 21.11 12.61 -12.52
N VAL A 89 21.34 13.87 -12.85
CA VAL A 89 20.39 14.94 -12.55
C VAL A 89 19.34 14.96 -13.66
N ARG A 90 18.14 14.48 -13.36
CA ARG A 90 17.07 14.42 -14.34
C ARG A 90 16.17 15.64 -14.35
N TYR A 91 16.14 16.43 -13.27
CA TYR A 91 15.22 17.56 -13.27
C TYR A 91 15.68 18.71 -14.16
N LYS A 92 16.86 18.61 -14.76
CA LYS A 92 17.30 19.56 -15.77
C LYS A 92 16.95 19.12 -17.18
N ASP A 93 16.26 17.98 -17.33
CA ASP A 93 15.81 17.54 -18.64
C ASP A 93 14.75 18.48 -19.19
N ASP A 94 14.65 18.50 -20.52
CA ASP A 94 13.59 19.22 -21.21
C ASP A 94 12.49 18.25 -21.61
N MET A 95 11.25 18.69 -21.50
CA MET A 95 10.10 17.85 -21.81
C MET A 95 9.28 18.50 -22.91
N TYR A 96 8.94 17.71 -23.94
CA TYR A 96 8.21 18.21 -25.10
C TYR A 96 7.01 17.32 -25.38
N HIS A 97 5.89 17.95 -25.74
CA HIS A 97 4.69 17.26 -26.17
C HIS A 97 4.29 17.81 -27.54
N PHE A 98 4.50 17.00 -28.58
CA PHE A 98 4.20 17.36 -29.96
C PHE A 98 2.97 16.60 -30.40
N PHE A 99 2.43 17.00 -31.55
CA PHE A 99 1.21 16.40 -32.06
C PHE A 99 1.28 16.22 -33.56
N CYS A 100 0.78 15.08 -34.04
CA CYS A 100 0.59 14.85 -35.45
C CYS A 100 -0.87 14.49 -35.74
N PRO A 101 -1.46 15.05 -36.78
CA PRO A 101 -2.88 14.81 -37.03
C PRO A 101 -3.13 13.41 -37.57
N ALA A 102 -4.38 12.97 -37.45
CA ALA A 102 -4.76 11.65 -37.95
C ALA A 102 -4.54 11.55 -39.45
N ILE A 103 -4.10 10.39 -39.89
CA ILE A 103 -3.86 10.10 -41.30
C ILE A 103 -4.49 8.75 -41.64
N GLN A 104 -4.59 8.48 -42.94
CA GLN A 104 -5.16 7.22 -43.41
C GLN A 104 -4.09 6.14 -43.49
N GLN B 4 30.25 17.63 8.20
CA GLN B 4 31.09 18.81 7.98
C GLN B 4 30.48 19.73 6.92
N VAL B 5 29.65 19.15 6.04
CA VAL B 5 28.90 19.97 5.08
C VAL B 5 27.94 20.86 5.85
N GLN B 6 28.05 22.16 5.64
CA GLN B 6 27.27 23.13 6.40
C GLN B 6 26.75 24.23 5.49
N LEU B 7 25.51 24.64 5.74
CA LEU B 7 24.88 25.76 5.07
C LEU B 7 24.39 26.73 6.13
N GLN B 8 24.90 27.97 6.10
CA GLN B 8 24.59 28.96 7.12
C GLN B 8 23.81 30.10 6.47
N GLN B 9 22.57 30.29 6.93
CA GLN B 9 21.72 31.33 6.38
C GLN B 9 21.74 32.56 7.30
N SER B 10 21.40 33.71 6.71
CA SER B 10 21.39 34.96 7.45
C SER B 10 20.21 34.99 8.41
N GLY B 11 20.20 36.04 9.25
CA GLY B 11 19.25 36.12 10.34
C GLY B 11 17.85 36.52 9.89
N ALA B 12 16.92 36.44 10.85
CA ALA B 12 15.52 36.73 10.58
C ALA B 12 15.33 38.15 10.09
N GLU B 13 14.33 38.34 9.23
CA GLU B 13 14.03 39.63 8.61
C GLU B 13 12.60 40.04 8.95
N LEU B 14 12.42 41.31 9.28
CA LEU B 14 11.10 41.89 9.49
C LEU B 14 11.00 43.15 8.64
N VAL B 15 10.10 43.14 7.66
CA VAL B 15 10.04 44.20 6.64
C VAL B 15 8.59 44.54 6.34
N LYS B 16 8.41 45.69 5.67
CA LYS B 16 7.16 46.31 5.26
C LYS B 16 6.76 45.82 3.87
N PRO B 17 5.45 45.73 3.59
CA PRO B 17 5.01 45.34 2.26
C PRO B 17 5.46 46.32 1.19
N GLY B 18 5.75 45.78 0.00
CA GLY B 18 6.23 46.56 -1.11
C GLY B 18 7.74 46.60 -1.27
N SER B 19 8.48 46.33 -0.21
CA SER B 19 9.94 46.36 -0.25
C SER B 19 10.49 45.05 -0.83
N SER B 20 11.80 44.91 -0.81
CA SER B 20 12.47 43.67 -1.20
C SER B 20 13.50 43.31 -0.14
N VAL B 21 13.81 42.02 -0.05
CA VAL B 21 14.81 41.51 0.88
C VAL B 21 15.76 40.59 0.13
N LYS B 22 16.99 40.52 0.61
CA LYS B 22 18.02 39.65 0.03
C LYS B 22 18.62 38.82 1.14
N ILE B 23 18.34 37.52 1.14
CA ILE B 23 18.85 36.62 2.16
C ILE B 23 19.97 35.77 1.56
N SER B 24 20.85 35.30 2.43
CA SER B 24 22.09 34.65 2.02
C SER B 24 22.20 33.25 2.59
N CYS B 25 23.06 32.46 1.95
CA CYS B 25 23.31 31.07 2.32
C CYS B 25 24.78 30.78 1.99
N LYS B 26 25.62 30.69 3.02
CA LYS B 26 27.04 30.43 2.84
C LYS B 26 27.30 28.94 3.04
N ALA B 27 27.97 28.33 2.06
CA ALA B 27 28.18 26.90 2.02
C ALA B 27 29.63 26.56 2.34
N SER B 28 29.81 25.42 3.01
CA SER B 28 31.16 24.93 3.30
C SER B 28 31.11 23.41 3.40
N GLY B 29 32.28 22.80 3.19
CA GLY B 29 32.42 21.35 3.29
C GLY B 29 32.34 20.61 1.98
N TYR B 30 32.17 21.32 0.87
CA TYR B 30 32.06 20.67 -0.44
C TYR B 30 32.41 21.69 -1.51
N THR B 31 32.68 21.19 -2.72
CA THR B 31 33.05 22.05 -3.84
C THR B 31 31.84 22.88 -4.24
N PHE B 32 31.93 24.19 -4.00
CA PHE B 32 30.78 25.08 -4.16
C PHE B 32 30.23 25.06 -5.58
N THR B 33 31.12 25.03 -6.59
CA THR B 33 30.69 25.12 -7.98
C THR B 33 30.20 23.79 -8.55
N SER B 34 30.22 22.71 -7.78
CA SER B 34 29.90 21.40 -8.31
C SER B 34 28.44 21.00 -8.15
N ASP B 35 27.69 21.68 -7.28
CA ASP B 35 26.35 21.26 -6.90
C ASP B 35 25.33 22.37 -7.15
N ASP B 36 24.06 21.97 -7.16
CA ASP B 36 23.00 22.96 -7.23
C ASP B 36 22.71 23.53 -5.84
N MET B 37 22.06 24.68 -5.82
CA MET B 37 21.52 25.24 -4.58
C MET B 37 20.04 25.52 -4.82
N HIS B 38 19.19 24.83 -4.06
CA HIS B 38 17.75 25.00 -4.13
C HIS B 38 17.28 25.91 -3.01
N TRP B 39 16.16 26.58 -3.25
CA TRP B 39 15.50 27.37 -2.22
C TRP B 39 14.06 26.88 -2.05
N ILE B 40 13.62 26.81 -0.79
CA ILE B 40 12.35 26.21 -0.43
C ILE B 40 11.60 27.14 0.51
N LYS B 41 10.31 27.31 0.26
CA LYS B 41 9.45 28.19 1.06
C LYS B 41 8.55 27.34 1.96
N GLN B 42 8.38 27.79 3.20
CA GLN B 42 7.46 27.13 4.13
C GLN B 42 6.65 28.21 4.85
N GLN B 43 5.40 28.36 4.43
CA GLN B 43 4.49 29.23 5.16
C GLN B 43 4.09 28.53 6.46
N PRO B 44 3.81 29.29 7.52
CA PRO B 44 3.49 28.64 8.81
C PRO B 44 2.34 27.66 8.70
N GLY B 45 2.64 26.37 8.87
CA GLY B 45 1.64 25.32 8.80
C GLY B 45 1.23 24.87 7.42
N ASN B 46 1.94 25.28 6.36
CA ASN B 46 1.51 24.98 5.01
C ASN B 46 2.58 24.23 4.21
N GLY B 47 3.33 23.34 4.87
CA GLY B 47 4.28 22.49 4.18
C GLY B 47 5.39 23.21 3.40
N LEU B 48 5.96 22.47 2.44
CA LEU B 48 7.13 22.89 1.71
C LEU B 48 6.82 23.14 0.23
N GLU B 49 7.37 24.23 -0.31
CA GLU B 49 7.16 24.61 -1.70
C GLU B 49 8.49 25.00 -2.34
N TRP B 50 8.83 24.35 -3.46
CA TRP B 50 10.10 24.59 -4.13
C TRP B 50 10.06 25.88 -4.92
N ILE B 51 11.09 26.72 -4.74
CA ILE B 51 11.18 28.01 -5.41
C ILE B 51 12.02 27.92 -6.68
N GLY B 52 13.22 27.39 -6.58
CA GLY B 52 14.12 27.35 -7.71
C GLY B 52 15.48 26.81 -7.31
N TRP B 53 16.34 26.63 -8.31
CA TRP B 53 17.73 26.28 -8.07
C TRP B 53 18.65 27.16 -8.91
N ILE B 54 19.87 27.32 -8.41
CA ILE B 54 20.96 27.97 -9.12
C ILE B 54 22.18 27.08 -9.09
N TYR B 55 22.88 27.00 -10.22
CA TYR B 55 24.13 26.25 -10.33
C TYR B 55 25.29 27.23 -10.32
N PRO B 56 25.98 27.42 -9.19
CA PRO B 56 27.02 28.45 -9.12
C PRO B 56 28.16 28.25 -10.10
N GLY B 57 28.35 27.05 -10.63
CA GLY B 57 29.41 26.82 -11.60
C GLY B 57 29.33 27.76 -12.80
N ASN B 58 28.13 27.97 -13.32
CA ASN B 58 27.93 28.84 -14.48
C ASN B 58 26.76 29.80 -14.30
N ASP B 59 26.19 29.88 -13.10
CA ASP B 59 25.09 30.78 -12.77
C ASP B 59 23.79 30.44 -13.52
N ASP B 60 23.65 29.22 -14.02
CA ASP B 60 22.36 28.76 -14.53
C ASP B 60 21.32 28.80 -13.42
N THR B 61 20.07 29.08 -13.79
CA THR B 61 18.98 29.10 -12.82
C THR B 61 17.76 28.42 -13.44
N LYS B 62 16.93 27.86 -12.57
CA LYS B 62 15.62 27.36 -12.96
C LYS B 62 14.64 27.73 -11.87
N TYR B 63 13.50 28.28 -12.25
CA TYR B 63 12.52 28.79 -11.31
C TYR B 63 11.20 28.03 -11.43
N ASN B 64 10.56 27.83 -10.28
CA ASN B 64 9.13 27.54 -10.26
C ASN B 64 8.39 28.77 -10.77
N GLN B 65 7.58 28.58 -11.82
CA GLN B 65 6.96 29.72 -12.48
C GLN B 65 6.11 30.55 -11.52
N LYS B 66 5.62 29.92 -10.44
CA LYS B 66 4.88 30.66 -9.42
C LYS B 66 5.73 31.78 -8.82
N PHE B 67 7.04 31.60 -8.78
CA PHE B 67 7.95 32.58 -8.22
C PHE B 67 8.69 33.39 -9.28
N ASN B 68 8.25 33.31 -10.54
CA ASN B 68 8.85 34.13 -11.59
C ASN B 68 8.63 35.61 -11.29
N GLY B 69 9.72 36.38 -11.30
CA GLY B 69 9.69 37.78 -10.96
C GLY B 69 9.62 38.06 -9.47
N LYS B 70 9.27 37.06 -8.65
CA LYS B 70 9.26 37.21 -7.20
C LYS B 70 10.62 36.89 -6.59
N ALA B 71 11.26 35.82 -7.04
CA ALA B 71 12.56 35.40 -6.53
C ALA B 71 13.63 35.57 -7.60
N THR B 72 14.80 36.02 -7.17
CA THR B 72 15.97 36.12 -8.04
C THR B 72 17.16 35.48 -7.33
N LEU B 73 17.76 34.48 -7.96
CA LEU B 73 18.88 33.75 -7.38
C LEU B 73 20.20 34.26 -7.97
N THR B 74 21.18 34.48 -7.09
CA THR B 74 22.53 34.86 -7.52
C THR B 74 23.53 34.09 -6.68
N ALA B 75 24.78 34.07 -7.13
CA ALA B 75 25.82 33.32 -6.42
C ALA B 75 27.15 34.05 -6.54
N ASP B 76 27.94 33.97 -5.48
CA ASP B 76 29.28 34.53 -5.41
C ASP B 76 30.25 33.40 -5.09
N LYS B 77 31.13 33.08 -6.03
CA LYS B 77 32.05 31.96 -5.87
C LYS B 77 33.13 32.24 -4.84
N SER B 78 33.58 33.50 -4.74
CA SER B 78 34.69 33.83 -3.83
C SER B 78 34.30 33.58 -2.38
N SER B 79 33.08 33.95 -2.00
CA SER B 79 32.59 33.72 -0.64
C SER B 79 31.74 32.47 -0.51
N SER B 80 31.59 31.70 -1.60
CA SER B 80 30.76 30.51 -1.62
C SER B 80 29.37 30.80 -1.05
N THR B 81 28.74 31.87 -1.53
CA THR B 81 27.49 32.33 -0.95
C THR B 81 26.43 32.49 -2.03
N VAL B 82 25.25 31.95 -1.78
CA VAL B 82 24.11 32.09 -2.67
C VAL B 82 23.12 33.07 -2.06
N TYR B 83 22.55 33.93 -2.88
CA TYR B 83 21.61 34.94 -2.44
C TYR B 83 20.27 34.73 -3.13
N MET B 84 19.19 34.93 -2.38
CA MET B 84 17.85 34.98 -2.95
C MET B 84 17.25 36.33 -2.61
N GLN B 85 16.81 37.05 -3.65
CA GLN B 85 16.17 38.35 -3.51
C GLN B 85 14.68 38.20 -3.80
N LEU B 86 13.85 38.54 -2.82
CA LEU B 86 12.40 38.55 -2.97
C LEU B 86 11.93 40.00 -3.06
N SER B 87 11.18 40.32 -4.11
CA SER B 87 10.74 41.68 -4.38
C SER B 87 9.23 41.77 -4.27
N SER B 88 8.74 43.01 -4.14
CA SER B 88 7.31 43.31 -4.06
C SER B 88 6.64 42.50 -2.95
N LEU B 89 7.26 42.53 -1.77
CA LEU B 89 6.84 41.66 -0.68
C LEU B 89 5.40 41.92 -0.27
N THR B 90 4.67 40.84 -0.01
CA THR B 90 3.31 40.88 0.49
C THR B 90 3.21 40.01 1.73
N SER B 91 2.02 39.99 2.34
CA SER B 91 1.81 39.15 3.50
C SER B 91 1.97 37.67 3.17
N GLU B 92 1.65 37.29 1.94
CA GLU B 92 1.80 35.90 1.52
C GLU B 92 3.25 35.47 1.42
N ASP B 93 4.19 36.42 1.39
CA ASP B 93 5.60 36.08 1.34
C ASP B 93 6.20 35.83 2.73
N SER B 94 5.44 36.07 3.80
CA SER B 94 5.92 35.78 5.15
C SER B 94 6.04 34.28 5.32
N ALA B 95 7.25 33.79 5.58
CA ALA B 95 7.51 32.36 5.62
C ALA B 95 8.94 32.13 6.08
N VAL B 96 9.26 30.85 6.31
CA VAL B 96 10.65 30.44 6.52
C VAL B 96 11.21 29.98 5.17
N TYR B 97 12.39 30.47 4.83
CA TYR B 97 13.04 30.12 3.57
C TYR B 97 14.31 29.35 3.86
N PHE B 98 14.41 28.15 3.26
CA PHE B 98 15.58 27.31 3.40
C PHE B 98 16.38 27.29 2.12
N CYS B 99 17.70 27.19 2.26
CA CYS B 99 18.55 26.77 1.16
C CYS B 99 18.94 25.31 1.38
N ALA B 100 19.15 24.60 0.28
CA ALA B 100 19.50 23.19 0.37
C ALA B 100 20.45 22.84 -0.78
N ARG B 101 21.49 22.08 -0.46
CA ARG B 101 22.38 21.61 -1.50
C ARG B 101 21.69 20.55 -2.35
N GLY B 102 21.69 20.75 -3.66
CA GLY B 102 21.33 19.71 -4.59
C GLY B 102 22.59 18.95 -4.96
N ASP B 103 22.75 17.77 -4.38
CA ASP B 103 23.96 16.97 -4.51
C ASP B 103 23.90 16.26 -5.86
N LEU B 104 24.66 16.76 -6.82
CA LEU B 104 24.58 16.26 -8.18
C LEU B 104 25.12 14.84 -8.31
N ASN B 105 25.97 14.41 -7.37
CA ASN B 105 26.41 13.02 -7.36
C ASN B 105 25.24 12.05 -7.21
N TYR B 106 24.16 12.47 -6.55
CA TYR B 106 23.00 11.64 -6.31
C TYR B 106 21.75 12.22 -6.95
N GLY B 107 21.91 12.81 -8.13
CA GLY B 107 20.76 13.29 -8.89
C GLY B 107 20.18 14.60 -8.41
N GLY B 108 20.88 15.35 -7.57
CA GLY B 108 20.38 16.61 -7.07
C GLY B 108 19.51 16.54 -5.85
N SER B 109 19.50 15.40 -5.14
CA SER B 109 18.70 15.29 -3.94
C SER B 109 19.20 16.27 -2.88
N MET B 110 18.25 16.80 -2.11
CA MET B 110 18.53 17.87 -1.13
C MET B 110 18.98 17.24 0.18
N ASP B 111 20.27 16.89 0.23
CA ASP B 111 20.81 16.14 1.37
C ASP B 111 21.36 17.02 2.48
N ALA B 112 21.46 18.33 2.27
CA ALA B 112 21.97 19.24 3.31
C ALA B 112 21.17 20.52 3.25
N TRP B 113 20.73 20.99 4.42
CA TRP B 113 19.86 22.16 4.51
C TRP B 113 20.45 23.20 5.45
N GLY B 114 20.18 24.46 5.14
CA GLY B 114 20.44 25.52 6.08
C GLY B 114 19.44 25.52 7.22
N GLN B 115 19.68 26.36 8.22
CA GLN B 115 18.80 26.38 9.38
C GLN B 115 17.50 27.12 9.10
N GLY B 116 17.39 27.80 7.97
CA GLY B 116 16.19 28.55 7.66
C GLY B 116 16.33 30.01 8.02
N THR B 117 15.67 30.86 7.24
CA THR B 117 15.61 32.29 7.51
C THR B 117 14.14 32.68 7.56
N SER B 118 13.68 33.11 8.73
CA SER B 118 12.31 33.60 8.87
C SER B 118 12.22 35.00 8.27
N VAL B 119 11.19 35.24 7.47
CA VAL B 119 10.93 36.54 6.89
C VAL B 119 9.47 36.88 7.15
N THR B 120 9.25 37.95 7.93
CA THR B 120 7.91 38.41 8.26
C THR B 120 7.65 39.76 7.59
N VAL B 121 6.51 39.87 6.93
CA VAL B 121 6.08 41.08 6.25
C VAL B 121 4.81 41.57 6.92
N SER B 122 4.87 42.79 7.47
CA SER B 122 3.69 43.39 8.11
C SER B 122 3.77 44.90 7.96
N SER B 123 2.59 45.52 7.90
CA SER B 123 2.49 46.97 7.73
C SER B 123 2.42 47.67 9.08
N GLU C 1 0.28 24.10 -11.05
CA GLU C 1 0.17 24.35 -12.49
C GLU C 1 -0.05 23.04 -13.24
N THR C 2 -0.76 23.11 -14.37
CA THR C 2 -0.93 21.96 -15.23
C THR C 2 0.44 21.45 -15.70
N GLY C 3 0.54 20.14 -15.91
CA GLY C 3 1.78 19.53 -16.30
C GLY C 3 2.76 19.28 -15.18
N ASP C 4 2.63 19.99 -14.05
CA ASP C 4 3.48 19.71 -12.91
C ASP C 4 3.17 18.32 -12.36
N THR C 5 4.21 17.67 -11.84
CA THR C 5 4.04 16.38 -11.18
C THR C 5 3.41 16.62 -9.81
N VAL C 6 2.27 15.99 -9.55
CA VAL C 6 1.53 16.15 -8.32
C VAL C 6 1.86 15.00 -7.39
N MET C 7 2.20 15.32 -6.14
CA MET C 7 2.44 14.32 -5.12
C MET C 7 1.27 14.34 -4.13
N THR C 8 0.55 13.23 -4.06
CA THR C 8 -0.62 13.09 -3.19
C THR C 8 -0.21 12.21 -2.01
N GLN C 9 -0.09 12.81 -0.84
CA GLN C 9 0.36 12.11 0.35
C GLN C 9 -0.82 11.83 1.27
N SER C 10 -0.77 10.69 1.95
CA SER C 10 -1.87 10.32 2.84
C SER C 10 -1.35 9.33 3.88
N PRO C 11 -1.89 9.36 5.11
CA PRO C 11 -2.88 10.31 5.61
C PRO C 11 -2.25 11.66 5.98
N SER C 12 -3.09 12.66 6.25
CA SER C 12 -2.56 13.95 6.66
C SER C 12 -1.99 13.90 8.07
N SER C 13 -2.59 13.10 8.94
CA SER C 13 -2.10 12.95 10.31
C SER C 13 -2.39 11.53 10.77
N LEU C 14 -1.57 11.06 11.71
CA LEU C 14 -1.70 9.69 12.20
C LEU C 14 -1.31 9.67 13.67
N ALA C 15 -2.04 8.87 14.45
CA ALA C 15 -1.77 8.71 15.87
C ALA C 15 -1.56 7.23 16.16
N VAL C 16 -0.41 6.90 16.77
CA VAL C 16 0.04 5.54 16.96
C VAL C 16 0.71 5.45 18.33
N SER C 17 0.80 4.24 18.87
CA SER C 17 1.49 4.00 20.12
C SER C 17 2.89 3.45 19.85
N ALA C 18 3.81 3.75 20.76
CA ALA C 18 5.19 3.32 20.61
C ALA C 18 5.28 1.81 20.38
N GLY C 19 6.18 1.41 19.49
CA GLY C 19 6.38 0.02 19.16
C GLY C 19 5.58 -0.49 17.98
N GLU C 20 4.50 0.18 17.60
CA GLU C 20 3.71 -0.29 16.46
C GLU C 20 4.42 0.03 15.15
N THR C 21 3.91 -0.54 14.07
CA THR C 21 4.40 -0.30 12.72
C THR C 21 3.35 0.45 11.92
N LEU C 22 3.79 1.45 11.15
CA LEU C 22 2.86 2.25 10.36
C LEU C 22 3.45 2.53 8.99
N THR C 23 2.58 2.93 8.06
CA THR C 23 2.96 3.23 6.69
C THR C 23 2.30 4.53 6.23
N ILE C 24 3.08 5.33 5.51
CA ILE C 24 2.63 6.59 4.91
C ILE C 24 2.73 6.42 3.40
N ASN C 25 1.75 6.96 2.68
CA ASN C 25 1.62 6.71 1.24
C ASN C 25 1.87 8.00 0.47
N CYS C 26 2.53 7.86 -0.68
CA CYS C 26 2.79 8.97 -1.59
C CYS C 26 2.53 8.47 -3.00
N LYS C 27 1.61 9.13 -3.70
CA LYS C 27 1.24 8.79 -5.06
C LYS C 27 1.67 9.91 -6.00
N SER C 28 2.33 9.55 -7.08
CA SER C 28 2.81 10.53 -8.04
C SER C 28 1.94 10.48 -9.30
N SER C 29 1.63 11.66 -9.83
CA SER C 29 0.89 11.73 -11.08
C SER C 29 1.75 11.44 -12.29
N GLN C 30 3.06 11.34 -12.11
CA GLN C 30 4.00 10.99 -13.17
C GLN C 30 4.93 9.88 -12.68
N ASN C 31 5.37 9.05 -13.62
CA ASN C 31 6.36 8.04 -13.30
C ASN C 31 7.68 8.70 -12.94
N LEU C 32 8.30 8.21 -11.86
CA LEU C 32 9.54 8.78 -11.36
C LEU C 32 10.73 7.86 -11.57
N PHE C 33 10.57 6.81 -12.38
CA PHE C 33 11.61 5.80 -12.57
C PHE C 33 12.45 6.15 -13.79
N SER C 34 13.76 6.21 -13.61
CA SER C 34 14.71 6.50 -14.68
C SER C 34 15.28 5.18 -15.20
N SER C 35 14.96 4.84 -16.45
CA SER C 35 15.52 3.64 -17.06
C SER C 35 17.03 3.74 -17.21
N ARG C 36 17.57 4.96 -17.30
CA ARG C 36 19.01 5.15 -17.42
C ARG C 36 19.78 4.48 -16.29
N ASN C 37 19.41 4.78 -15.04
CA ASN C 37 20.12 4.23 -13.89
C ASN C 37 19.25 3.34 -13.01
N GLN C 38 18.02 3.06 -13.41
CA GLN C 38 17.14 2.13 -12.69
C GLN C 38 16.84 2.62 -11.28
N LYS C 39 16.62 3.93 -11.14
CA LYS C 39 16.35 4.53 -9.84
C LYS C 39 15.06 5.35 -9.89
N ASN C 40 14.31 5.31 -8.80
CA ASN C 40 13.14 6.17 -8.63
C ASN C 40 13.57 7.47 -7.97
N TYR C 41 13.26 8.60 -8.61
CA TYR C 41 13.69 9.90 -8.13
C TYR C 41 12.67 10.46 -7.12
N LEU C 42 12.61 9.77 -5.98
CA LEU C 42 11.72 10.15 -4.88
C LEU C 42 12.50 10.12 -3.57
N ALA C 43 12.25 11.11 -2.73
CA ALA C 43 12.91 11.23 -1.45
C ALA C 43 11.89 11.40 -0.33
N TRP C 44 12.29 11.01 0.87
CA TRP C 44 11.50 11.17 2.08
C TRP C 44 12.28 12.02 3.08
N PHE C 45 11.60 13.03 3.64
CA PHE C 45 12.14 14.00 4.58
C PHE C 45 11.37 13.95 5.90
N GLN C 46 12.09 14.23 6.99
CA GLN C 46 11.53 14.35 8.32
C GLN C 46 11.77 15.78 8.83
N GLN C 47 10.73 16.42 9.35
CA GLN C 47 10.83 17.77 9.90
C GLN C 47 10.17 17.83 11.26
N LYS C 48 10.98 18.08 12.31
CA LYS C 48 10.64 18.34 13.71
C LYS C 48 10.48 19.84 13.94
N PRO C 49 9.66 20.24 14.92
CA PRO C 49 9.41 21.67 15.15
C PRO C 49 10.68 22.45 15.43
N GLY C 50 10.81 23.60 14.76
CA GLY C 50 11.95 24.48 14.91
C GLY C 50 13.23 24.03 14.24
N GLN C 51 13.17 22.98 13.43
CA GLN C 51 14.35 22.48 12.73
C GLN C 51 14.08 22.47 11.23
N SER C 52 15.17 22.38 10.47
CA SER C 52 15.06 22.22 9.03
C SER C 52 14.71 20.77 8.70
N PRO C 53 14.09 20.52 7.55
CA PRO C 53 13.84 19.13 7.13
C PRO C 53 15.13 18.33 7.08
N THR C 54 15.01 17.05 7.41
CA THR C 54 16.12 16.11 7.36
C THR C 54 15.85 15.09 6.25
N LEU C 55 16.83 14.87 5.38
CA LEU C 55 16.67 13.86 4.35
C LEU C 55 16.78 12.49 4.98
N LEU C 56 15.69 11.73 4.93
CA LEU C 56 15.70 10.36 5.41
C LEU C 56 16.12 9.40 4.30
N ILE C 57 15.44 9.48 3.16
CA ILE C 57 15.62 8.47 2.11
C ILE C 57 15.71 9.15 0.75
N HIS C 58 16.61 8.64 -0.09
CA HIS C 58 16.71 9.01 -1.49
C HIS C 58 16.71 7.73 -2.33
N TRP C 59 16.47 7.89 -3.63
CA TRP C 59 16.25 6.78 -4.56
C TRP C 59 15.10 5.89 -4.08
N ALA C 60 14.20 6.47 -3.28
CA ALA C 60 12.96 5.88 -2.79
C ALA C 60 13.16 4.79 -1.75
N SER C 61 14.38 4.25 -1.63
CA SER C 61 14.61 3.19 -0.66
C SER C 61 15.98 3.23 0.02
N THR C 62 16.87 4.15 -0.37
CA THR C 62 18.22 4.17 0.19
C THR C 62 18.28 5.16 1.34
N ARG C 63 18.59 4.65 2.53
CA ARG C 63 18.67 5.50 3.70
C ARG C 63 19.93 6.36 3.68
N GLN C 64 19.79 7.59 4.14
CA GLN C 64 20.96 8.40 4.42
C GLN C 64 21.76 7.79 5.56
N SER C 65 23.06 8.06 5.58
CA SER C 65 23.90 7.57 6.66
C SER C 65 23.40 8.10 8.00
N GLY C 66 23.40 7.23 9.00
CA GLY C 66 22.91 7.59 10.32
C GLY C 66 21.41 7.46 10.49
N VAL C 67 20.66 7.22 9.44
CA VAL C 67 19.20 7.03 9.55
C VAL C 67 18.92 5.61 10.03
N PRO C 68 18.18 5.43 11.12
CA PRO C 68 17.90 4.09 11.62
C PRO C 68 17.23 3.22 10.56
N ASP C 69 17.53 1.93 10.60
CA ASP C 69 16.98 0.98 9.64
C ASP C 69 15.51 0.66 9.88
N ARG C 70 14.86 1.29 10.86
CA ARG C 70 13.42 1.15 11.03
C ARG C 70 12.63 2.04 10.09
N PHE C 71 13.30 2.93 9.36
CA PHE C 71 12.68 3.67 8.26
C PHE C 71 12.89 2.88 6.98
N ILE C 72 11.79 2.53 6.32
CA ILE C 72 11.84 1.68 5.14
C ILE C 72 11.07 2.37 4.04
N GLY C 73 11.77 2.80 3.00
CA GLY C 73 11.12 3.33 1.81
C GLY C 73 10.95 2.23 0.78
N SER C 74 9.78 2.19 0.16
CA SER C 74 9.51 1.20 -0.87
C SER C 74 8.57 1.79 -1.90
N GLY C 75 8.34 1.03 -2.96
CA GLY C 75 7.48 1.43 -4.05
C GLY C 75 8.29 1.72 -5.30
N SER C 76 7.56 1.98 -6.38
CA SER C 76 8.18 2.22 -7.67
C SER C 76 7.17 2.90 -8.57
N GLY C 77 7.66 3.40 -9.71
CA GLY C 77 6.78 4.00 -10.69
C GLY C 77 6.12 5.23 -10.12
N THR C 78 4.84 5.08 -9.77
CA THR C 78 4.04 6.16 -9.20
C THR C 78 3.58 5.92 -7.78
N ASP C 79 3.85 4.76 -7.19
CA ASP C 79 3.29 4.41 -5.89
C ASP C 79 4.43 4.13 -4.91
N PHE C 80 4.47 4.90 -3.81
CA PHE C 80 5.57 4.81 -2.86
C PHE C 80 5.04 4.85 -1.44
N THR C 81 5.82 4.28 -0.53
CA THR C 81 5.46 4.21 0.88
C THR C 81 6.70 4.41 1.74
N LEU C 82 6.50 5.04 2.89
CA LEU C 82 7.48 5.11 3.96
C LEU C 82 6.91 4.40 5.18
N THR C 83 7.60 3.38 5.66
CA THR C 83 7.15 2.58 6.78
C THR C 83 8.09 2.80 7.97
N ILE C 84 7.50 3.00 9.15
CA ILE C 84 8.25 3.05 10.38
C ILE C 84 7.86 1.84 11.22
N SER C 85 8.80 0.93 11.39
CA SER C 85 8.62 -0.25 12.23
C SER C 85 9.16 0.08 13.61
N SER C 86 8.37 -0.22 14.64
CA SER C 86 8.72 0.11 16.03
C SER C 86 8.92 1.61 16.19
N VAL C 87 7.80 2.33 16.07
CA VAL C 87 7.82 3.78 16.21
C VAL C 87 8.29 4.17 17.61
N GLN C 88 9.03 5.26 17.69
CA GLN C 88 9.56 5.76 18.95
C GLN C 88 9.20 7.23 19.12
N ALA C 89 9.27 7.71 20.36
CA ALA C 89 8.92 9.09 20.65
C ALA C 89 9.76 10.07 19.84
N GLU C 90 11.02 9.72 19.57
CA GLU C 90 11.88 10.56 18.75
C GLU C 90 11.47 10.56 17.27
N ASP C 91 10.56 9.68 16.86
CA ASP C 91 10.09 9.66 15.49
C ASP C 91 8.90 10.59 15.26
N LEU C 92 8.38 11.22 16.32
CA LEU C 92 7.30 12.18 16.17
C LEU C 92 7.78 13.38 15.36
N ALA C 93 7.14 13.61 14.22
CA ALA C 93 7.59 14.63 13.26
C ALA C 93 6.55 14.71 12.16
N ILE C 94 6.76 15.66 11.24
CA ILE C 94 6.01 15.71 9.99
C ILE C 94 6.89 15.13 8.88
N TYR C 95 6.34 14.22 8.10
CA TYR C 95 7.08 13.53 7.06
C TYR C 95 6.56 13.95 5.69
N TYR C 96 7.50 14.22 4.78
CA TYR C 96 7.17 14.70 3.45
C TYR C 96 7.80 13.79 2.40
N CYS C 97 7.05 13.48 1.35
CA CYS C 97 7.64 12.90 0.16
C CYS C 97 7.89 14.01 -0.86
N GLN C 98 8.87 13.79 -1.73
CA GLN C 98 9.17 14.77 -2.76
C GLN C 98 9.74 14.05 -3.97
N GLN C 99 9.35 14.52 -5.15
CA GLN C 99 9.94 14.02 -6.39
C GLN C 99 10.97 15.03 -6.88
N TYR C 100 12.11 14.52 -7.33
CA TYR C 100 13.13 15.35 -7.95
C TYR C 100 13.50 14.80 -9.32
N TYR C 101 12.52 14.20 -10.00
CA TYR C 101 12.65 13.71 -11.37
C TYR C 101 12.33 14.80 -12.39
N ASN C 102 11.34 15.65 -12.09
CA ASN C 102 10.86 16.66 -13.03
C ASN C 102 10.86 18.03 -12.38
N SER C 103 11.06 19.05 -13.20
CA SER C 103 10.91 20.45 -12.80
C SER C 103 9.50 20.93 -13.14
N PRO C 104 8.83 21.67 -12.23
CA PRO C 104 9.33 22.04 -10.90
C PRO C 104 9.34 20.87 -9.91
N LEU C 105 10.30 20.88 -8.99
CA LEU C 105 10.31 19.88 -7.93
C LEU C 105 9.12 20.12 -7.02
N THR C 106 8.52 19.03 -6.53
CA THR C 106 7.27 19.13 -5.78
C THR C 106 7.29 18.20 -4.58
N PHE C 107 6.61 18.62 -3.52
CA PHE C 107 6.48 17.88 -2.27
C PHE C 107 5.06 17.38 -2.08
N GLY C 108 4.92 16.30 -1.32
CA GLY C 108 3.63 15.96 -0.75
C GLY C 108 3.23 16.94 0.33
N SER C 109 1.94 16.91 0.69
CA SER C 109 1.44 17.87 1.68
C SER C 109 1.87 17.54 3.10
N GLY C 110 2.40 16.34 3.35
CA GLY C 110 2.96 16.04 4.65
C GLY C 110 2.05 15.17 5.50
N THR C 111 2.66 14.40 6.40
CA THR C 111 1.95 13.55 7.34
C THR C 111 2.48 13.82 8.75
N LYS C 112 1.63 14.36 9.61
CA LYS C 112 2.00 14.67 10.98
C LYS C 112 1.80 13.43 11.84
N LEU C 113 2.87 12.96 12.47
CA LEU C 113 2.85 11.71 13.22
C LEU C 113 2.75 12.02 14.72
N GLU C 114 1.76 11.42 15.39
CA GLU C 114 1.44 11.68 16.78
C GLU C 114 1.32 10.38 17.58
N ILE C 115 1.20 10.54 18.89
CA ILE C 115 1.00 9.44 19.85
C ILE C 115 -0.41 9.57 20.42
N LYS C 116 -0.98 8.41 20.74
CA LYS C 116 -2.33 8.21 21.33
C LYS C 116 -3.36 8.02 20.23
N SER D 2 -35.10 -6.50 21.56
CA SER D 2 -34.78 -6.73 22.95
C SER D 2 -34.66 -8.23 23.25
N LEU D 3 -34.84 -9.04 22.21
CA LEU D 3 -34.79 -10.49 22.34
C LEU D 3 -33.33 -10.95 22.42
N PRO D 4 -33.08 -12.08 23.10
CA PRO D 4 -31.69 -12.58 23.19
C PRO D 4 -31.16 -13.01 21.83
N GLN D 5 -30.14 -12.30 21.33
CA GLN D 5 -29.68 -12.50 19.97
C GLN D 5 -29.19 -13.93 19.74
N SER D 6 -29.42 -14.41 18.52
CA SER D 6 -28.96 -15.72 18.08
C SER D 6 -28.40 -15.60 16.66
N GLU D 7 -27.22 -16.15 16.45
CA GLU D 7 -26.56 -16.13 15.15
C GLU D 7 -27.04 -17.21 14.21
N ASN D 8 -28.07 -17.97 14.60
CA ASN D 8 -28.52 -19.07 13.78
C ASN D 8 -28.96 -18.57 12.41
N PRO D 9 -28.41 -19.10 11.32
CA PRO D 9 -29.00 -18.83 10.00
C PRO D 9 -30.32 -19.57 9.88
N ALA D 10 -31.03 -19.38 8.78
CA ALA D 10 -32.24 -20.16 8.56
C ALA D 10 -31.88 -21.63 8.41
N PHE D 11 -32.72 -22.50 8.96
CA PHE D 11 -32.56 -23.92 8.81
C PHE D 11 -33.79 -24.46 8.09
N PRO D 12 -33.64 -25.21 7.01
CA PRO D 12 -34.83 -25.68 6.28
C PRO D 12 -35.47 -26.89 6.96
N GLY D 13 -36.05 -26.64 8.14
CA GLY D 13 -36.64 -27.72 8.90
C GLY D 13 -37.39 -27.20 10.10
N THR D 14 -37.96 -28.14 10.84
CA THR D 14 -38.79 -27.86 12.00
C THR D 14 -38.28 -28.67 13.19
N LEU D 15 -38.06 -27.98 14.31
CA LEU D 15 -37.50 -28.59 15.52
C LEU D 15 -38.62 -28.98 16.47
N ILE D 16 -38.60 -30.23 16.92
CA ILE D 16 -39.57 -30.76 17.87
C ILE D 16 -38.80 -31.41 19.01
N CYS D 17 -38.98 -30.88 20.23
CA CYS D 17 -38.35 -31.43 21.43
C CYS D 17 -39.32 -32.41 22.06
N ASP D 18 -39.20 -33.69 21.71
CA ASP D 18 -40.04 -34.72 22.28
C ASP D 18 -39.53 -35.13 23.65
N LYS D 19 -40.37 -35.87 24.37
CA LYS D 19 -39.94 -36.48 25.63
C LYS D 19 -38.85 -37.51 25.38
N ASP D 20 -38.97 -38.26 24.28
CA ASP D 20 -38.03 -39.34 24.00
C ASP D 20 -36.76 -38.83 23.30
N GLU D 21 -36.88 -37.84 22.42
CA GLU D 21 -35.77 -37.50 21.54
C GLU D 21 -35.95 -36.08 21.02
N VAL D 22 -34.94 -35.63 20.27
CA VAL D 22 -35.01 -34.40 19.49
C VAL D 22 -35.26 -34.80 18.04
N ARG D 23 -36.19 -34.11 17.39
CA ARG D 23 -36.48 -34.39 15.99
C ARG D 23 -36.37 -33.10 15.19
N ILE D 24 -35.78 -33.21 14.01
CA ILE D 24 -35.74 -32.13 13.04
C ILE D 24 -36.35 -32.65 11.75
N GLU D 25 -37.56 -32.21 11.45
CA GLU D 25 -38.25 -32.62 10.23
C GLU D 25 -37.83 -31.70 9.10
N PHE D 26 -37.18 -32.25 8.08
CA PHE D 26 -36.74 -31.42 6.96
C PHE D 26 -37.95 -30.99 6.14
N SER D 27 -37.90 -29.74 5.66
CA SER D 27 -39.01 -29.21 4.87
C SER D 27 -39.05 -29.79 3.47
N SER D 28 -37.96 -30.42 3.01
CA SER D 28 -37.96 -31.10 1.73
C SER D 28 -36.87 -32.16 1.75
N ARG D 29 -37.00 -33.12 0.83
CA ARG D 29 -36.00 -34.17 0.67
C ARG D 29 -34.80 -33.64 -0.11
N PHE D 30 -33.61 -34.03 0.30
CA PHE D 30 -32.39 -33.53 -0.34
C PHE D 30 -31.28 -34.56 -0.23
N ASP D 31 -30.16 -34.26 -0.88
CA ASP D 31 -28.99 -35.15 -0.93
C ASP D 31 -28.15 -34.88 0.31
N MET D 32 -28.14 -35.84 1.24
CA MET D 32 -27.39 -35.68 2.49
C MET D 32 -25.90 -35.54 2.24
N GLU D 33 -25.38 -36.07 1.13
CA GLU D 33 -23.94 -35.98 0.89
C GLU D 33 -23.49 -34.54 0.70
N LYS D 34 -24.32 -33.71 0.07
CA LYS D 34 -23.95 -32.34 -0.25
C LYS D 34 -24.33 -31.34 0.83
N TRP D 35 -25.20 -31.72 1.76
CA TRP D 35 -25.52 -30.86 2.90
C TRP D 35 -25.75 -31.82 4.08
N ASN D 36 -24.66 -32.14 4.78
CA ASN D 36 -24.64 -33.21 5.75
C ASN D 36 -24.55 -32.63 7.14
N PRO D 37 -25.45 -33.01 8.05
CA PRO D 37 -25.39 -32.55 9.44
C PRO D 37 -24.52 -33.46 10.30
N SER D 38 -23.79 -32.83 11.21
CA SER D 38 -23.02 -33.51 12.24
C SER D 38 -23.29 -32.84 13.56
N VAL D 39 -23.28 -33.63 14.64
CA VAL D 39 -23.57 -33.12 15.97
C VAL D 39 -22.25 -32.92 16.70
N VAL D 40 -22.06 -31.72 17.24
CA VAL D 40 -20.78 -31.34 17.84
C VAL D 40 -21.00 -30.87 19.26
N ASP D 41 -19.90 -30.83 20.01
CA ASP D 41 -19.91 -30.39 21.40
C ASP D 41 -19.64 -28.89 21.46
N THR D 42 -19.43 -28.37 22.68
CA THR D 42 -19.25 -26.94 22.85
C THR D 42 -18.00 -26.43 22.14
N LEU D 43 -16.95 -27.26 22.06
CA LEU D 43 -15.74 -26.84 21.37
C LEU D 43 -15.82 -27.04 19.85
N GLY D 44 -16.94 -27.54 19.34
CA GLY D 44 -17.11 -27.75 17.92
C GLY D 44 -16.64 -29.09 17.40
N SER D 45 -16.16 -29.96 18.28
CA SER D 45 -15.75 -31.30 17.88
C SER D 45 -16.97 -32.22 17.80
N GLU D 46 -16.92 -33.14 16.82
CA GLU D 46 -17.99 -34.12 16.66
C GLU D 46 -18.09 -35.01 17.89
N ILE D 47 -19.32 -35.26 18.33
CA ILE D 47 -19.57 -36.13 19.48
C ILE D 47 -19.56 -37.57 18.95
N LEU D 48 -18.47 -38.29 19.21
CA LEU D 48 -18.30 -39.61 18.60
C LEU D 48 -19.28 -40.62 19.16
N SER D 49 -19.73 -40.43 20.40
CA SER D 49 -20.74 -41.31 20.99
C SER D 49 -22.15 -40.99 20.51
N CYS D 50 -22.33 -39.97 19.67
CA CYS D 50 -23.64 -39.59 19.17
C CYS D 50 -23.88 -40.28 17.82
N THR D 51 -24.96 -41.05 17.74
CA THR D 51 -25.41 -41.65 16.51
C THR D 51 -26.86 -41.26 16.30
N TYR D 52 -27.14 -40.51 15.24
CA TYR D 52 -28.51 -40.09 14.95
C TYR D 52 -29.12 -41.00 13.91
N ALA D 53 -30.44 -40.93 13.80
CA ALA D 53 -31.19 -41.74 12.86
C ALA D 53 -31.89 -40.83 11.85
N LEU D 54 -32.06 -41.34 10.64
CA LEU D 54 -32.75 -40.59 9.59
C LEU D 54 -33.96 -41.39 9.15
N ASP D 55 -35.15 -40.92 9.53
CA ASP D 55 -36.41 -41.47 9.05
C ASP D 55 -36.52 -41.12 7.57
N LEU D 56 -36.46 -42.16 6.73
CA LEU D 56 -36.46 -42.02 5.29
C LEU D 56 -37.86 -41.87 4.71
N GLU D 57 -38.90 -42.16 5.48
CA GLU D 57 -40.26 -42.01 4.99
C GLU D 57 -40.64 -40.53 4.93
N ARG D 58 -40.46 -39.81 6.04
CA ARG D 58 -40.79 -38.40 6.11
C ARG D 58 -39.55 -37.51 6.12
N PHE D 59 -38.35 -38.10 6.07
CA PHE D 59 -37.08 -37.37 6.07
C PHE D 59 -36.92 -36.53 7.34
N VAL D 60 -36.77 -37.25 8.46
CA VAL D 60 -36.69 -36.62 9.78
C VAL D 60 -35.43 -37.09 10.49
N LEU D 61 -34.65 -36.15 11.02
CA LEU D 61 -33.51 -36.49 11.86
C LEU D 61 -33.95 -36.68 13.30
N LYS D 62 -33.43 -37.74 13.93
CA LYS D 62 -33.75 -38.07 15.32
C LYS D 62 -32.46 -38.24 16.12
N PHE D 63 -32.35 -37.50 17.23
CA PHE D 63 -31.19 -37.50 18.11
C PHE D 63 -31.63 -37.84 19.52
N PRO D 64 -30.97 -38.78 20.20
CA PRO D 64 -31.23 -38.96 21.63
C PRO D 64 -30.65 -37.80 22.45
N TYR D 65 -31.39 -37.40 23.49
CA TYR D 65 -30.89 -36.36 24.39
C TYR D 65 -29.58 -36.76 25.03
N GLU D 66 -29.49 -38.01 25.49
CA GLU D 66 -28.41 -38.41 26.39
C GLU D 66 -27.05 -38.35 25.70
N THR D 67 -26.97 -38.77 24.44
CA THR D 67 -25.68 -38.93 23.76
C THR D 67 -25.38 -37.87 22.72
N CYS D 68 -26.35 -37.01 22.37
CA CYS D 68 -26.17 -36.08 21.27
C CYS D 68 -26.34 -34.61 21.65
N THR D 69 -26.62 -34.31 22.92
CA THR D 69 -26.82 -32.93 23.33
C THR D 69 -25.92 -32.62 24.52
N ILE D 70 -25.72 -31.33 24.76
CA ILE D 70 -24.94 -30.83 25.89
C ILE D 70 -25.91 -30.44 26.99
N LYS D 71 -25.84 -31.13 28.13
CA LYS D 71 -26.76 -30.85 29.23
C LYS D 71 -26.43 -29.51 29.88
N VAL D 72 -27.46 -28.70 30.09
CA VAL D 72 -27.34 -27.45 30.83
C VAL D 72 -28.47 -27.42 31.86
N VAL D 73 -28.37 -26.45 32.77
CA VAL D 73 -29.26 -26.42 33.94
C VAL D 73 -30.73 -26.43 33.50
N GLY D 74 -31.07 -25.63 32.49
CA GLY D 74 -32.43 -25.56 32.04
C GLY D 74 -32.82 -26.51 30.93
N GLY D 75 -31.92 -27.39 30.51
CA GLY D 75 -32.24 -28.26 29.39
C GLY D 75 -31.07 -28.81 28.61
N TYR D 76 -31.12 -28.67 27.30
CA TYR D 76 -30.18 -29.31 26.39
C TYR D 76 -29.84 -28.37 25.26
N GLN D 77 -28.54 -28.16 25.04
CA GLN D 77 -28.06 -27.45 23.87
C GLN D 77 -27.77 -28.45 22.76
N VAL D 78 -28.19 -28.11 21.54
CA VAL D 78 -28.06 -28.98 20.38
C VAL D 78 -27.23 -28.24 19.35
N ASN D 79 -26.02 -28.73 19.11
CA ASN D 79 -25.07 -28.05 18.21
C ASN D 79 -24.93 -28.85 16.94
N ILE D 80 -25.35 -28.28 15.82
CA ILE D 80 -25.36 -28.98 14.54
C ILE D 80 -24.57 -28.18 13.52
N ARG D 81 -23.55 -28.81 12.93
CA ARG D 81 -22.78 -28.23 11.84
C ARG D 81 -23.15 -28.95 10.55
N VAL D 82 -23.46 -28.20 9.51
CA VAL D 82 -23.91 -28.80 8.26
C VAL D 82 -23.00 -28.33 7.14
N GLY D 83 -22.52 -29.27 6.32
CA GLY D 83 -21.60 -28.90 5.26
C GLY D 83 -21.58 -29.88 4.11
N ASP D 84 -20.99 -29.43 3.01
CA ASP D 84 -20.82 -30.26 1.81
C ASP D 84 -19.61 -31.17 2.04
N THR D 85 -19.86 -32.48 2.11
CA THR D 85 -18.79 -33.43 2.38
C THR D 85 -17.92 -33.72 1.16
N THR D 86 -18.24 -33.17 0.00
CA THR D 86 -17.41 -33.35 -1.19
C THR D 86 -16.31 -32.31 -1.31
N THR D 87 -16.22 -31.37 -0.38
CA THR D 87 -15.19 -30.34 -0.42
C THR D 87 -14.38 -30.32 0.86
N ASP D 88 -13.15 -29.81 0.75
CA ASP D 88 -12.29 -29.55 1.90
C ASP D 88 -12.55 -28.19 2.54
N VAL D 89 -13.41 -27.37 1.94
CA VAL D 89 -13.64 -26.01 2.38
C VAL D 89 -14.67 -26.06 3.51
N ARG D 90 -14.20 -25.88 4.74
CA ARG D 90 -15.07 -25.98 5.90
C ARG D 90 -15.67 -24.64 6.33
N TYR D 91 -15.09 -23.51 5.93
CA TYR D 91 -15.62 -22.24 6.40
C TYR D 91 -16.92 -21.84 5.69
N LYS D 92 -17.35 -22.60 4.70
CA LYS D 92 -18.66 -22.42 4.10
C LYS D 92 -19.74 -23.27 4.76
N ASP D 93 -19.39 -24.03 5.79
CA ASP D 93 -20.38 -24.78 6.55
C ASP D 93 -21.28 -23.83 7.32
N ASP D 94 -22.50 -24.29 7.61
CA ASP D 94 -23.43 -23.56 8.46
C ASP D 94 -23.40 -24.15 9.86
N MET D 95 -23.50 -23.29 10.87
CA MET D 95 -23.45 -23.70 12.27
C MET D 95 -24.73 -23.28 12.97
N TYR D 96 -25.35 -24.21 13.70
CA TYR D 96 -26.62 -23.97 14.37
C TYR D 96 -26.52 -24.37 15.84
N HIS D 97 -27.12 -23.56 16.70
CA HIS D 97 -27.23 -23.85 18.13
C HIS D 97 -28.71 -23.77 18.53
N PHE D 98 -29.31 -24.91 18.79
CA PHE D 98 -30.71 -25.04 19.18
C PHE D 98 -30.81 -25.41 20.65
N PHE D 99 -32.03 -25.35 21.18
CA PHE D 99 -32.25 -25.60 22.60
C PHE D 99 -33.54 -26.39 22.81
N CYS D 100 -33.49 -27.35 23.72
CA CYS D 100 -34.67 -28.07 24.17
C CYS D 100 -34.80 -27.97 25.69
N PRO D 101 -35.99 -27.71 26.21
CA PRO D 101 -36.14 -27.54 27.66
C PRO D 101 -36.05 -28.86 28.40
N ALA D 102 -35.80 -28.76 29.71
CA ALA D 102 -35.74 -29.93 30.58
C ALA D 102 -37.06 -30.69 30.56
N ILE D 103 -36.97 -32.01 30.70
CA ILE D 103 -38.14 -32.87 30.66
C ILE D 103 -38.20 -33.79 31.88
N GLN E 4 4.02 -17.54 -10.00
CA GLN E 4 3.31 -17.01 -11.17
C GLN E 4 1.92 -16.48 -10.77
N VAL E 5 1.39 -17.00 -9.67
CA VAL E 5 0.14 -16.47 -9.12
C VAL E 5 0.38 -15.03 -8.67
N GLN E 6 -0.43 -14.12 -9.19
CA GLN E 6 -0.25 -12.70 -8.92
C GLN E 6 -1.59 -12.03 -8.67
N LEU E 7 -1.61 -11.14 -7.68
CA LEU E 7 -2.78 -10.31 -7.39
C LEU E 7 -2.31 -8.86 -7.35
N GLN E 8 -2.87 -8.04 -8.23
CA GLN E 8 -2.46 -6.65 -8.39
C GLN E 8 -3.62 -5.75 -7.97
N GLN E 9 -3.42 -4.96 -6.92
CA GLN E 9 -4.44 -4.06 -6.41
C GLN E 9 -4.22 -2.64 -6.90
N SER E 10 -5.30 -1.86 -6.91
CA SER E 10 -5.24 -0.48 -7.37
C SER E 10 -4.52 0.41 -6.35
N GLY E 11 -4.27 1.65 -6.76
CA GLY E 11 -3.45 2.55 -5.98
C GLY E 11 -4.18 3.15 -4.78
N ALA E 12 -3.39 3.83 -3.94
CA ALA E 12 -3.91 4.41 -2.72
C ALA E 12 -5.02 5.43 -3.01
N GLU E 13 -5.96 5.51 -2.07
CA GLU E 13 -7.13 6.37 -2.18
C GLU E 13 -7.17 7.37 -1.03
N LEU E 14 -7.51 8.61 -1.37
CA LEU E 14 -7.76 9.67 -0.38
C LEU E 14 -9.13 10.25 -0.72
N VAL E 15 -10.10 10.06 0.18
CA VAL E 15 -11.49 10.38 -0.12
C VAL E 15 -12.17 11.01 1.08
N LYS E 16 -13.36 11.62 0.82
CA LYS E 16 -14.16 12.34 1.80
C LYS E 16 -15.13 11.41 2.52
N PRO E 17 -15.41 11.70 3.79
CA PRO E 17 -16.43 10.93 4.50
C PRO E 17 -17.79 11.10 3.84
N GLY E 18 -18.58 10.02 3.87
CA GLY E 18 -19.87 10.00 3.23
C GLY E 18 -19.87 9.44 1.82
N SER E 19 -18.74 9.47 1.15
CA SER E 19 -18.64 8.96 -0.21
C SER E 19 -18.43 7.45 -0.18
N SER E 20 -18.22 6.85 -1.35
CA SER E 20 -17.88 5.44 -1.46
C SER E 20 -16.69 5.30 -2.39
N VAL E 21 -15.94 4.20 -2.23
CA VAL E 21 -14.81 3.90 -3.08
C VAL E 21 -14.93 2.47 -3.57
N LYS E 22 -14.36 2.21 -4.75
CA LYS E 22 -14.36 0.88 -5.33
C LYS E 22 -12.92 0.55 -5.69
N ILE E 23 -12.32 -0.38 -4.93
CA ILE E 23 -10.94 -0.77 -5.16
C ILE E 23 -10.93 -2.13 -5.83
N SER E 24 -9.84 -2.41 -6.55
CA SER E 24 -9.79 -3.55 -7.45
C SER E 24 -8.63 -4.47 -7.10
N CYS E 25 -8.75 -5.70 -7.59
CA CYS E 25 -7.76 -6.75 -7.38
C CYS E 25 -7.81 -7.62 -8.63
N LYS E 26 -6.80 -7.51 -9.49
CA LYS E 26 -6.74 -8.28 -10.72
C LYS E 26 -5.87 -9.51 -10.49
N ALA E 27 -6.41 -10.68 -10.82
CA ALA E 27 -5.78 -11.95 -10.53
C ALA E 27 -5.23 -12.57 -11.81
N SER E 28 -4.11 -13.27 -11.67
CA SER E 28 -3.52 -13.99 -12.79
C SER E 28 -2.72 -15.17 -12.26
N GLY E 29 -2.51 -16.16 -13.13
CA GLY E 29 -1.72 -17.32 -12.79
C GLY E 29 -2.51 -18.52 -12.34
N TYR E 30 -3.84 -18.44 -12.31
CA TYR E 30 -4.68 -19.53 -11.87
C TYR E 30 -6.08 -19.33 -12.44
N THR E 31 -6.87 -20.40 -12.41
CA THR E 31 -8.23 -20.35 -12.94
C THR E 31 -9.08 -19.46 -12.04
N PHE E 32 -9.48 -18.29 -12.57
CA PHE E 32 -10.14 -17.27 -11.78
C PHE E 32 -11.43 -17.77 -11.14
N THR E 33 -12.21 -18.56 -11.87
CA THR E 33 -13.51 -18.99 -11.41
C THR E 33 -13.46 -20.17 -10.44
N SER E 34 -12.28 -20.70 -10.15
CA SER E 34 -12.16 -21.91 -9.33
C SER E 34 -11.94 -21.64 -7.85
N ASP E 35 -11.53 -20.43 -7.48
CA ASP E 35 -11.08 -20.15 -6.11
C ASP E 35 -11.88 -19.02 -5.50
N ASP E 36 -11.80 -18.90 -4.17
CA ASP E 36 -12.41 -17.76 -3.50
C ASP E 36 -11.48 -16.55 -3.57
N MET E 37 -12.06 -15.38 -3.36
CA MET E 37 -11.27 -14.17 -3.14
C MET E 37 -11.73 -13.53 -1.84
N HIS E 38 -10.83 -13.45 -0.87
CA HIS E 38 -11.07 -12.86 0.44
C HIS E 38 -10.57 -11.41 0.45
N TRP E 39 -11.20 -10.61 1.31
CA TRP E 39 -10.73 -9.26 1.58
C TRP E 39 -10.47 -9.10 3.08
N ILE E 40 -9.38 -8.40 3.41
CA ILE E 40 -8.89 -8.30 4.77
C ILE E 40 -8.55 -6.84 5.06
N LYS E 41 -8.95 -6.37 6.24
CA LYS E 41 -8.72 -5.00 6.65
C LYS E 41 -7.61 -4.93 7.69
N GLN E 42 -6.72 -3.94 7.57
CA GLN E 42 -5.66 -3.69 8.54
C GLN E 42 -5.59 -2.18 8.78
N GLN E 43 -6.10 -1.75 9.92
CA GLN E 43 -5.97 -0.35 10.31
C GLN E 43 -4.52 -0.05 10.70
N PRO E 44 -4.07 1.20 10.53
CA PRO E 44 -2.66 1.54 10.81
C PRO E 44 -2.20 1.16 12.20
N GLY E 45 -1.22 0.26 12.29
CA GLY E 45 -0.73 -0.19 13.58
C GLY E 45 -1.55 -1.27 14.22
N ASN E 46 -2.45 -1.91 13.49
CA ASN E 46 -3.39 -2.88 14.02
C ASN E 46 -3.15 -4.24 13.36
N GLY E 47 -3.94 -5.22 13.76
CA GLY E 47 -3.90 -6.55 13.19
C GLY E 47 -4.76 -6.66 11.95
N LEU E 48 -5.16 -7.89 11.66
CA LEU E 48 -5.89 -8.23 10.43
C LEU E 48 -7.31 -8.62 10.77
N GLU E 49 -8.26 -8.13 9.96
CA GLU E 49 -9.68 -8.37 10.17
C GLU E 49 -10.30 -8.83 8.86
N TRP E 50 -10.94 -9.99 8.89
CA TRP E 50 -11.53 -10.57 7.69
C TRP E 50 -12.84 -9.87 7.34
N ILE E 51 -12.97 -9.47 6.08
CA ILE E 51 -14.18 -8.77 5.62
C ILE E 51 -15.17 -9.74 5.01
N GLY E 52 -14.72 -10.54 4.05
CA GLY E 52 -15.63 -11.43 3.35
C GLY E 52 -14.89 -12.15 2.24
N TRP E 53 -15.62 -13.07 1.59
CA TRP E 53 -15.15 -13.72 0.39
C TRP E 53 -16.21 -13.68 -0.68
N ILE E 54 -15.75 -13.74 -1.93
CA ILE E 54 -16.61 -13.88 -3.09
C ILE E 54 -16.06 -15.01 -3.96
N TYR E 55 -16.97 -15.84 -4.49
CA TYR E 55 -16.62 -16.93 -5.39
C TYR E 55 -17.01 -16.53 -6.81
N PRO E 56 -16.05 -16.08 -7.63
CA PRO E 56 -16.42 -15.56 -8.97
C PRO E 56 -17.12 -16.58 -9.87
N GLY E 57 -17.02 -17.87 -9.57
CA GLY E 57 -17.69 -18.87 -10.39
C GLY E 57 -19.19 -18.63 -10.51
N ASN E 58 -19.85 -18.30 -9.40
CA ASN E 58 -21.28 -18.05 -9.39
C ASN E 58 -21.65 -16.77 -8.63
N ASP E 59 -20.65 -15.98 -8.23
CA ASP E 59 -20.84 -14.71 -7.51
C ASP E 59 -21.44 -14.90 -6.13
N ASP E 60 -21.35 -16.10 -5.56
CA ASP E 60 -21.70 -16.26 -4.14
C ASP E 60 -20.78 -15.39 -3.29
N THR E 61 -21.33 -14.88 -2.19
CA THR E 61 -20.55 -14.06 -1.27
C THR E 61 -20.88 -14.45 0.16
N LYS E 62 -19.91 -14.23 1.04
CA LYS E 62 -20.12 -14.34 2.48
C LYS E 62 -19.40 -13.19 3.15
N TYR E 63 -20.08 -12.53 4.07
CA TYR E 63 -19.55 -11.34 4.71
C TYR E 63 -19.39 -11.57 6.21
N ASN E 64 -18.33 -10.99 6.76
CA ASN E 64 -18.29 -10.75 8.20
C ASN E 64 -19.42 -9.78 8.55
N GLN E 65 -20.29 -10.21 9.47
CA GLN E 65 -21.49 -9.43 9.75
C GLN E 65 -21.15 -8.01 10.19
N LYS E 66 -19.97 -7.80 10.77
CA LYS E 66 -19.52 -6.46 11.14
C LYS E 66 -19.46 -5.54 9.92
N PHE E 67 -19.21 -6.11 8.73
CA PHE E 67 -19.10 -5.34 7.51
C PHE E 67 -20.34 -5.44 6.63
N ASN E 68 -21.45 -5.94 7.18
CA ASN E 68 -22.70 -5.99 6.42
C ASN E 68 -23.12 -4.59 6.02
N GLY E 69 -23.35 -4.39 4.71
CA GLY E 69 -23.70 -3.09 4.18
C GLY E 69 -22.56 -2.12 4.01
N LYS E 70 -21.41 -2.36 4.65
CA LYS E 70 -20.26 -1.49 4.48
C LYS E 70 -19.42 -1.88 3.27
N ALA E 71 -19.19 -3.18 3.08
CA ALA E 71 -18.41 -3.69 1.96
C ALA E 71 -19.33 -4.45 1.02
N THR E 72 -19.12 -4.29 -0.28
CA THR E 72 -19.84 -5.03 -1.31
C THR E 72 -18.84 -5.60 -2.29
N LEU E 73 -18.85 -6.92 -2.44
CA LEU E 73 -17.90 -7.61 -3.31
C LEU E 73 -18.56 -7.94 -4.64
N THR E 74 -17.84 -7.67 -5.73
CA THR E 74 -18.28 -8.04 -7.07
C THR E 74 -17.10 -8.60 -7.83
N ALA E 75 -17.38 -9.27 -8.95
CA ALA E 75 -16.31 -9.86 -9.75
C ALA E 75 -16.66 -9.76 -11.23
N ASP E 76 -15.62 -9.58 -12.04
CA ASP E 76 -15.71 -9.51 -13.49
C ASP E 76 -14.83 -10.61 -14.06
N LYS E 77 -15.45 -11.59 -14.71
CA LYS E 77 -14.75 -12.77 -15.20
C LYS E 77 -13.85 -12.44 -16.39
N SER E 78 -14.28 -11.51 -17.25
CA SER E 78 -13.53 -11.23 -18.47
C SER E 78 -12.14 -10.68 -18.15
N SER E 79 -12.05 -9.78 -17.17
CA SER E 79 -10.77 -9.19 -16.78
C SER E 79 -10.17 -9.87 -15.57
N SER E 80 -10.79 -10.94 -15.07
CA SER E 80 -10.32 -11.64 -13.87
C SER E 80 -10.08 -10.68 -12.72
N THR E 81 -11.09 -9.84 -12.44
CA THR E 81 -10.91 -8.77 -11.47
C THR E 81 -12.00 -8.81 -10.41
N VAL E 82 -11.60 -8.72 -9.14
CA VAL E 82 -12.53 -8.64 -8.02
C VAL E 82 -12.52 -7.21 -7.51
N TYR E 83 -13.70 -6.69 -7.19
CA TYR E 83 -13.85 -5.33 -6.69
C TYR E 83 -14.49 -5.36 -5.32
N MET E 84 -14.03 -4.49 -4.43
CA MET E 84 -14.68 -4.24 -3.16
C MET E 84 -15.08 -2.77 -3.10
N GLN E 85 -16.35 -2.52 -2.85
CA GLN E 85 -16.91 -1.18 -2.72
C GLN E 85 -17.21 -0.91 -1.27
N LEU E 86 -16.58 0.12 -0.71
CA LEU E 86 -16.82 0.56 0.65
C LEU E 86 -17.69 1.81 0.59
N SER E 87 -18.81 1.79 1.29
CA SER E 87 -19.79 2.87 1.22
C SER E 87 -19.91 3.57 2.57
N SER E 88 -20.48 4.77 2.52
CA SER E 88 -20.73 5.58 3.72
C SER E 88 -19.45 5.74 4.53
N LEU E 89 -18.36 6.09 3.84
CA LEU E 89 -17.04 6.06 4.44
C LEU E 89 -16.94 6.99 5.64
N THR E 90 -16.27 6.50 6.68
CA THR E 90 -15.94 7.26 7.88
C THR E 90 -14.45 7.10 8.16
N SER E 91 -13.97 7.80 9.19
CA SER E 91 -12.56 7.69 9.56
C SER E 91 -12.20 6.27 9.99
N GLU E 92 -13.17 5.53 10.54
CA GLU E 92 -12.91 4.15 10.95
C GLU E 92 -12.63 3.23 9.77
N ASP E 93 -12.97 3.66 8.55
CA ASP E 93 -12.68 2.90 7.35
C ASP E 93 -11.27 3.15 6.82
N SER E 94 -10.53 4.10 7.38
CA SER E 94 -9.16 4.34 6.96
C SER E 94 -8.29 3.15 7.34
N ALA E 95 -7.73 2.48 6.35
CA ALA E 95 -6.96 1.25 6.60
C ALA E 95 -6.36 0.80 5.27
N VAL E 96 -5.50 -0.21 5.36
CA VAL E 96 -5.03 -0.92 4.18
C VAL E 96 -5.91 -2.15 3.98
N TYR E 97 -6.37 -2.35 2.75
CA TYR E 97 -7.25 -3.46 2.41
C TYR E 97 -6.51 -4.38 1.45
N PHE E 98 -6.42 -5.65 1.83
CA PHE E 98 -5.77 -6.68 1.02
C PHE E 98 -6.81 -7.59 0.40
N CYS E 99 -6.53 -8.05 -0.81
CA CYS E 99 -7.21 -9.20 -1.37
C CYS E 99 -6.30 -10.43 -1.26
N ALA E 100 -6.92 -11.60 -1.12
CA ALA E 100 -6.16 -12.83 -1.00
C ALA E 100 -6.92 -13.97 -1.65
N ARG E 101 -6.22 -14.80 -2.42
CA ARG E 101 -6.84 -15.97 -2.99
C ARG E 101 -7.12 -17.02 -1.91
N GLY E 102 -8.35 -17.48 -1.85
CA GLY E 102 -8.70 -18.65 -1.09
C GLY E 102 -8.60 -19.88 -1.97
N ASP E 103 -7.52 -20.64 -1.78
CA ASP E 103 -7.18 -21.79 -2.62
C ASP E 103 -8.04 -22.97 -2.18
N LEU E 104 -9.09 -23.25 -2.95
CA LEU E 104 -10.04 -24.29 -2.57
C LEU E 104 -9.42 -25.68 -2.63
N ASN E 105 -8.33 -25.86 -3.38
CA ASN E 105 -7.60 -27.13 -3.35
C ASN E 105 -7.10 -27.45 -1.95
N TYR E 106 -6.82 -26.43 -1.15
CA TYR E 106 -6.30 -26.59 0.21
C TYR E 106 -7.26 -26.02 1.25
N GLY E 107 -8.55 -26.15 1.01
CA GLY E 107 -9.54 -25.73 1.98
C GLY E 107 -9.81 -24.24 2.04
N GLY E 108 -9.36 -23.47 1.05
CA GLY E 108 -9.58 -22.05 1.04
C GLY E 108 -8.53 -21.23 1.77
N SER E 109 -7.37 -21.80 2.07
CA SER E 109 -6.32 -21.05 2.74
C SER E 109 -5.82 -19.92 1.85
N MET E 110 -5.46 -18.80 2.49
CA MET E 110 -5.09 -17.57 1.78
C MET E 110 -3.61 -17.63 1.43
N ASP E 111 -3.30 -18.31 0.32
CA ASP E 111 -1.92 -18.58 -0.05
C ASP E 111 -1.30 -17.50 -0.94
N ALA E 112 -2.07 -16.54 -1.42
CA ALA E 112 -1.54 -15.48 -2.26
C ALA E 112 -2.26 -14.18 -1.92
N TRP E 113 -1.50 -13.11 -1.74
CA TRP E 113 -2.06 -11.82 -1.33
C TRP E 113 -1.68 -10.74 -2.31
N GLY E 114 -2.57 -9.77 -2.47
CA GLY E 114 -2.22 -8.55 -3.17
C GLY E 114 -1.30 -7.67 -2.33
N GLN E 115 -0.79 -6.61 -2.95
CA GLN E 115 0.14 -5.75 -2.24
C GLN E 115 -0.55 -4.80 -1.28
N GLY E 116 -1.87 -4.74 -1.31
CA GLY E 116 -2.62 -3.87 -0.42
C GLY E 116 -2.98 -2.54 -1.07
N THR E 117 -4.13 -2.02 -0.68
CA THR E 117 -4.59 -0.70 -1.12
C THR E 117 -4.92 0.12 0.11
N SER E 118 -4.17 1.20 0.34
CA SER E 118 -4.47 2.12 1.42
C SER E 118 -5.65 2.99 1.05
N VAL E 119 -6.57 3.16 2.00
CA VAL E 119 -7.74 4.03 1.84
C VAL E 119 -7.80 4.95 3.04
N THR E 120 -7.67 6.25 2.81
CA THR E 120 -7.72 7.26 3.84
C THR E 120 -9.00 8.08 3.66
N VAL E 121 -9.71 8.28 4.76
CA VAL E 121 -10.94 9.08 4.77
C VAL E 121 -10.67 10.29 5.65
N SER E 122 -10.72 11.48 5.05
CA SER E 122 -10.50 12.71 5.79
C SER E 122 -11.25 13.84 5.11
N SER E 123 -11.67 14.82 5.91
CA SER E 123 -12.42 15.96 5.42
C SER E 123 -11.48 17.10 5.03
N GLU F 1 -17.45 -10.49 17.64
CA GLU F 1 -18.81 -10.84 18.03
C GLU F 1 -18.80 -12.13 18.84
N THR F 2 -19.73 -12.26 19.79
CA THR F 2 -19.85 -13.51 20.54
C THR F 2 -20.16 -14.65 19.60
N GLY F 3 -19.67 -15.85 19.95
CA GLY F 3 -19.79 -17.00 19.09
C GLY F 3 -18.74 -17.11 18.01
N ASP F 4 -18.07 -16.01 17.65
CA ASP F 4 -16.94 -16.09 16.74
C ASP F 4 -15.80 -16.87 17.39
N THR F 5 -15.03 -17.55 16.56
CA THR F 5 -13.84 -18.25 17.05
C THR F 5 -12.75 -17.25 17.39
N VAL F 6 -12.27 -17.31 18.63
CA VAL F 6 -11.26 -16.38 19.13
C VAL F 6 -9.90 -17.03 19.04
N MET F 7 -8.94 -16.32 18.47
CA MET F 7 -7.54 -16.76 18.41
C MET F 7 -6.73 -15.91 19.38
N THR F 8 -6.15 -16.54 20.39
CA THR F 8 -5.35 -15.89 21.42
C THR F 8 -3.89 -16.22 21.16
N GLN F 9 -3.12 -15.22 20.72
CA GLN F 9 -1.72 -15.39 20.35
C GLN F 9 -0.82 -14.82 21.44
N SER F 10 0.32 -15.45 21.64
CA SER F 10 1.23 -15.01 22.69
C SER F 10 2.65 -15.45 22.36
N PRO F 11 3.67 -14.66 22.75
CA PRO F 11 3.52 -13.34 23.38
C PRO F 11 3.14 -12.27 22.36
N SER F 12 2.78 -11.08 22.84
CA SER F 12 2.44 -10.00 21.91
C SER F 12 3.68 -9.45 21.19
N SER F 13 4.82 -9.45 21.86
CA SER F 13 6.05 -8.96 21.25
C SER F 13 7.23 -9.77 21.77
N LEU F 14 8.29 -9.84 20.96
CA LEU F 14 9.44 -10.68 21.28
C LEU F 14 10.71 -10.05 20.75
N ALA F 15 11.79 -10.15 21.52
CA ALA F 15 13.11 -9.66 21.12
C ALA F 15 14.11 -10.80 21.22
N VAL F 16 14.82 -11.05 20.12
CA VAL F 16 15.69 -12.22 19.98
C VAL F 16 16.95 -11.81 19.22
N SER F 17 18.02 -12.56 19.41
CA SER F 17 19.27 -12.37 18.69
C SER F 17 19.39 -13.42 17.59
N ALA F 18 20.08 -13.04 16.51
CA ALA F 18 20.25 -13.94 15.37
C ALA F 18 20.86 -15.27 15.80
N GLY F 19 20.38 -16.35 15.18
CA GLY F 19 20.85 -17.68 15.48
C GLY F 19 20.06 -18.43 16.55
N GLU F 20 19.30 -17.72 17.37
CA GLU F 20 18.54 -18.34 18.44
C GLU F 20 17.30 -19.03 17.88
N THR F 21 16.64 -19.81 18.73
CA THR F 21 15.38 -20.47 18.41
C THR F 21 14.27 -19.91 19.30
N LEU F 22 13.10 -19.68 18.71
CA LEU F 22 11.97 -19.11 19.44
C LEU F 22 10.68 -19.81 19.04
N THR F 23 9.66 -19.67 19.89
CA THR F 23 8.35 -20.26 19.66
C THR F 23 7.25 -19.26 19.98
N ILE F 24 6.20 -19.28 19.15
CA ILE F 24 5.01 -18.46 19.31
C ILE F 24 3.83 -19.40 19.49
N ASN F 25 2.90 -19.03 20.38
CA ASN F 25 1.77 -19.88 20.74
C ASN F 25 0.47 -19.27 20.26
N CYS F 26 -0.47 -20.12 19.82
CA CYS F 26 -1.79 -19.70 19.37
C CYS F 26 -2.81 -20.67 19.94
N LYS F 27 -3.80 -20.15 20.68
CA LYS F 27 -4.85 -20.96 21.26
C LYS F 27 -6.18 -20.58 20.63
N SER F 28 -6.95 -21.57 20.22
CA SER F 28 -8.24 -21.34 19.58
C SER F 28 -9.36 -21.66 20.56
N SER F 29 -10.41 -20.82 20.55
CA SER F 29 -11.58 -21.08 21.37
C SER F 29 -12.48 -22.16 20.81
N GLN F 30 -12.20 -22.63 19.59
CA GLN F 30 -12.92 -23.73 18.97
C GLN F 30 -11.93 -24.73 18.42
N ASN F 31 -12.32 -26.01 18.43
CA ASN F 31 -11.49 -27.04 17.81
C ASN F 31 -11.47 -26.81 16.31
N LEU F 32 -10.28 -26.92 15.72
CA LEU F 32 -10.09 -26.64 14.30
C LEU F 32 -9.80 -27.91 13.51
N PHE F 33 -9.99 -29.07 14.10
CA PHE F 33 -9.63 -30.34 13.48
C PHE F 33 -10.85 -30.91 12.76
N SER F 34 -10.67 -31.24 11.49
CA SER F 34 -11.72 -31.83 10.67
C SER F 34 -11.52 -33.34 10.67
N SER F 35 -12.46 -34.06 11.26
CA SER F 35 -12.40 -35.53 11.24
C SER F 35 -12.52 -36.06 9.82
N ARG F 36 -13.16 -35.30 8.92
CA ARG F 36 -13.32 -35.73 7.54
C ARG F 36 -11.97 -36.01 6.87
N ASN F 37 -11.04 -35.05 6.93
CA ASN F 37 -9.76 -35.19 6.25
C ASN F 37 -8.56 -35.19 7.19
N GLN F 38 -8.78 -35.18 8.51
CA GLN F 38 -7.69 -35.29 9.48
C GLN F 38 -6.72 -34.12 9.39
N LYS F 39 -7.25 -32.91 9.16
CA LYS F 39 -6.44 -31.71 9.04
C LYS F 39 -6.91 -30.65 10.02
N ASN F 40 -5.96 -29.91 10.59
CA ASN F 40 -6.26 -28.75 11.41
C ASN F 40 -6.30 -27.51 10.52
N TYR F 41 -7.41 -26.78 10.56
CA TYR F 41 -7.62 -25.63 9.68
C TYR F 41 -7.05 -24.37 10.32
N LEU F 42 -5.71 -24.37 10.45
CA LEU F 42 -4.97 -23.24 11.02
C LEU F 42 -3.78 -22.93 10.14
N ALA F 43 -3.52 -21.63 9.96
CA ALA F 43 -2.43 -21.15 9.12
C ALA F 43 -1.59 -20.15 9.90
N TRP F 44 -0.34 -20.03 9.48
CA TRP F 44 0.61 -19.05 10.03
C TRP F 44 1.09 -18.14 8.91
N PHE F 45 1.06 -16.84 9.18
CA PHE F 45 1.43 -15.79 8.24
C PHE F 45 2.57 -14.95 8.82
N GLN F 46 3.42 -14.46 7.91
CA GLN F 46 4.49 -13.52 8.22
C GLN F 46 4.21 -12.23 7.48
N GLN F 47 4.30 -11.10 8.18
CA GLN F 47 4.13 -9.79 7.55
C GLN F 47 5.32 -8.93 7.91
N LYS F 48 6.15 -8.61 6.94
CA LYS F 48 7.28 -7.73 7.17
C LYS F 48 6.81 -6.28 7.04
N PRO F 49 7.51 -5.34 7.67
CA PRO F 49 7.00 -3.96 7.71
C PRO F 49 6.73 -3.41 6.32
N GLY F 50 5.52 -2.84 6.15
CA GLY F 50 5.14 -2.26 4.88
C GLY F 50 4.82 -3.25 3.78
N GLN F 51 4.75 -4.55 4.09
CA GLN F 51 4.50 -5.57 3.08
C GLN F 51 3.22 -6.32 3.39
N SER F 52 2.75 -7.07 2.40
CA SER F 52 1.58 -7.91 2.59
C SER F 52 1.93 -9.14 3.42
N PRO F 53 0.95 -9.70 4.12
CA PRO F 53 1.19 -10.97 4.81
C PRO F 53 1.58 -12.06 3.82
N THR F 54 2.49 -12.93 4.24
CA THR F 54 2.91 -14.08 3.45
C THR F 54 2.49 -15.34 4.19
N LEU F 55 1.86 -16.27 3.48
CA LEU F 55 1.47 -17.52 4.09
C LEU F 55 2.71 -18.38 4.35
N LEU F 56 2.99 -18.63 5.62
CA LEU F 56 4.09 -19.51 6.00
C LEU F 56 3.62 -20.95 6.07
N ILE F 57 2.54 -21.22 6.79
CA ILE F 57 2.13 -22.58 7.12
C ILE F 57 0.63 -22.71 6.90
N HIS F 58 0.21 -23.83 6.31
CA HIS F 58 -1.19 -24.21 6.27
C HIS F 58 -1.33 -25.64 6.76
N TRP F 59 -2.57 -26.03 7.09
CA TRP F 59 -2.86 -27.30 7.76
C TRP F 59 -2.07 -27.43 9.06
N ALA F 60 -1.69 -26.28 9.63
CA ALA F 60 -1.03 -26.13 10.92
C ALA F 60 0.41 -26.63 10.94
N SER F 61 0.83 -27.43 9.94
CA SER F 61 2.18 -27.93 9.93
C SER F 61 2.82 -28.04 8.54
N THR F 62 2.10 -27.74 7.46
CA THR F 62 2.61 -27.91 6.11
C THR F 62 3.14 -26.58 5.60
N ARG F 63 4.44 -26.53 5.28
CA ARG F 63 5.04 -25.31 4.76
C ARG F 63 4.62 -25.09 3.32
N GLN F 64 4.41 -23.82 2.97
CA GLN F 64 4.31 -23.47 1.55
C GLN F 64 5.65 -23.71 0.88
N SER F 65 5.61 -24.00 -0.41
CA SER F 65 6.83 -24.18 -1.18
C SER F 65 7.66 -22.90 -1.13
N GLY F 66 8.98 -23.06 -1.00
CA GLY F 66 9.87 -21.93 -0.87
C GLY F 66 10.01 -21.37 0.53
N VAL F 67 9.20 -21.81 1.48
CA VAL F 67 9.34 -21.35 2.86
C VAL F 67 10.46 -22.14 3.53
N PRO F 68 11.46 -21.47 4.11
CA PRO F 68 12.57 -22.21 4.73
C PRO F 68 12.10 -23.19 5.80
N ASP F 69 12.84 -24.30 5.91
CA ASP F 69 12.48 -25.33 6.87
C ASP F 69 12.79 -24.94 8.31
N ARG F 70 13.27 -23.73 8.56
CA ARG F 70 13.42 -23.27 9.94
C ARG F 70 12.10 -22.78 10.53
N PHE F 71 11.06 -22.65 9.71
CA PHE F 71 9.70 -22.39 10.20
C PHE F 71 8.98 -23.72 10.36
N ILE F 72 8.52 -24.02 11.57
CA ILE F 72 7.91 -25.31 11.89
C ILE F 72 6.60 -25.06 12.60
N GLY F 73 5.50 -25.46 11.97
CA GLY F 73 4.20 -25.41 12.62
C GLY F 73 3.87 -26.74 13.28
N SER F 74 3.32 -26.68 14.49
CA SER F 74 2.94 -27.88 15.21
C SER F 74 1.71 -27.57 16.07
N GLY F 75 1.18 -28.62 16.69
CA GLY F 75 0.02 -28.50 17.54
C GLY F 75 -1.20 -29.14 16.91
N SER F 76 -2.28 -29.16 17.68
CA SER F 76 -3.52 -29.78 17.26
C SER F 76 -4.66 -29.29 18.14
N GLY F 77 -5.88 -29.62 17.71
CA GLY F 77 -7.05 -29.29 18.50
C GLY F 77 -7.25 -27.81 18.64
N THR F 78 -6.91 -27.30 19.82
CA THR F 78 -7.02 -25.88 20.12
C THR F 78 -5.69 -25.20 20.39
N ASP F 79 -4.58 -25.95 20.43
CA ASP F 79 -3.29 -25.40 20.83
C ASP F 79 -2.28 -25.63 19.71
N PHE F 80 -1.66 -24.55 19.25
CA PHE F 80 -0.76 -24.57 18.10
C PHE F 80 0.47 -23.74 18.41
N THR F 81 1.56 -24.05 17.74
CA THR F 81 2.84 -23.37 17.95
C THR F 81 3.55 -23.19 16.62
N LEU F 82 4.26 -22.08 16.50
CA LEU F 82 5.17 -21.81 15.40
C LEU F 82 6.58 -21.66 15.95
N THR F 83 7.52 -22.45 15.44
CA THR F 83 8.90 -22.41 15.88
C THR F 83 9.77 -21.87 14.76
N ILE F 84 10.64 -20.92 15.12
CA ILE F 84 11.66 -20.40 14.23
C ILE F 84 13.00 -20.81 14.84
N SER F 85 13.74 -21.66 14.13
CA SER F 85 14.93 -22.28 14.70
C SER F 85 16.20 -21.45 14.54
N SER F 86 16.44 -20.89 13.35
CA SER F 86 17.67 -20.11 13.09
C SER F 86 17.23 -18.70 12.75
N VAL F 87 16.93 -17.90 13.79
CA VAL F 87 16.45 -16.55 13.57
C VAL F 87 17.49 -15.73 12.81
N GLN F 88 17.00 -14.93 11.87
CA GLN F 88 17.83 -14.09 11.04
C GLN F 88 17.24 -12.69 11.01
N ALA F 89 18.07 -11.71 10.66
CA ALA F 89 17.61 -10.33 10.60
C ALA F 89 16.41 -10.15 9.67
N GLU F 90 16.36 -10.93 8.58
CA GLU F 90 15.25 -10.82 7.65
C GLU F 90 13.94 -11.36 8.21
N ASP F 91 13.96 -11.99 9.37
CA ASP F 91 12.75 -12.53 9.99
C ASP F 91 11.97 -11.49 10.78
N LEU F 92 12.45 -10.25 10.85
CA LEU F 92 11.74 -9.19 11.55
C LEU F 92 10.40 -8.95 10.87
N ALA F 93 9.31 -9.15 11.63
CA ALA F 93 7.97 -9.12 11.08
C ALA F 93 6.98 -9.25 12.23
N ILE F 94 5.71 -9.11 11.89
CA ILE F 94 4.62 -9.51 12.78
C ILE F 94 4.08 -10.83 12.26
N TYR F 95 3.92 -11.79 13.16
CA TYR F 95 3.48 -13.13 12.79
C TYR F 95 2.06 -13.35 13.31
N TYR F 96 1.22 -13.91 12.46
CA TYR F 96 -0.19 -14.08 12.79
C TYR F 96 -0.59 -15.54 12.62
N CYS F 97 -1.38 -16.04 13.56
CA CYS F 97 -2.10 -17.28 13.35
C CYS F 97 -3.51 -16.96 12.88
N GLN F 98 -4.10 -17.89 12.16
CA GLN F 98 -5.44 -17.67 11.63
C GLN F 98 -6.17 -19.00 11.52
N GLN F 99 -7.44 -19.00 11.89
CA GLN F 99 -8.30 -20.16 11.69
C GLN F 99 -9.16 -19.93 10.46
N TYR F 100 -9.28 -20.95 9.62
CA TYR F 100 -10.18 -20.90 8.48
C TYR F 100 -11.10 -22.12 8.48
N TYR F 101 -11.44 -22.59 9.68
CA TYR F 101 -12.40 -23.66 9.87
C TYR F 101 -13.83 -23.13 9.91
N ASN F 102 -14.02 -21.95 10.50
CA ASN F 102 -15.34 -21.38 10.71
C ASN F 102 -15.40 -19.96 10.15
N SER F 103 -16.60 -19.57 9.70
CA SER F 103 -16.89 -18.19 9.33
C SER F 103 -17.53 -17.47 10.51
N PRO F 104 -17.12 -16.22 10.80
CA PRO F 104 -16.09 -15.48 10.08
C PRO F 104 -14.68 -15.99 10.36
N LEU F 105 -13.81 -15.91 9.35
CA LEU F 105 -12.41 -16.23 9.57
C LEU F 105 -11.79 -15.20 10.49
N THR F 106 -10.90 -15.65 11.37
CA THR F 106 -10.37 -14.78 12.41
C THR F 106 -8.87 -15.00 12.55
N PHE F 107 -8.18 -13.92 12.90
CA PHE F 107 -6.74 -13.91 13.08
C PHE F 107 -6.40 -13.73 14.56
N GLY F 108 -5.21 -14.19 14.94
CA GLY F 108 -4.64 -13.77 16.19
C GLY F 108 -4.24 -12.30 16.14
N SER F 109 -4.00 -11.73 17.31
CA SER F 109 -3.67 -10.31 17.39
C SER F 109 -2.26 -10.02 16.90
N GLY F 110 -1.43 -11.04 16.73
CA GLY F 110 -0.11 -10.85 16.15
C GLY F 110 0.98 -10.89 17.21
N THR F 111 2.17 -11.31 16.77
CA THR F 111 3.36 -11.36 17.61
C THR F 111 4.46 -10.61 16.89
N LYS F 112 4.93 -9.52 17.50
CA LYS F 112 5.95 -8.67 16.90
C LYS F 112 7.33 -9.22 17.22
N LEU F 113 8.08 -9.56 16.19
CA LEU F 113 9.41 -10.14 16.34
C LEU F 113 10.47 -9.10 16.01
N GLU F 114 11.44 -8.94 16.89
CA GLU F 114 12.52 -7.98 16.68
C GLU F 114 13.84 -8.74 16.77
N ILE F 115 14.87 -8.14 16.19
CA ILE F 115 16.20 -8.74 16.19
C ILE F 115 17.16 -7.80 16.90
N LYS F 116 18.15 -8.38 17.58
CA LYS F 116 19.18 -7.59 18.25
C LYS F 116 20.47 -7.62 17.45
#